data_1ISV
#
_entry.id   1ISV
#
_cell.length_a   74.800
_cell.length_b   93.870
_cell.length_c   137.920
_cell.angle_alpha   90.00
_cell.angle_beta   90.00
_cell.angle_gamma   90.00
#
_symmetry.space_group_name_H-M   'P 21 21 21'
#
loop_
_entity.id
_entity.type
_entity.pdbx_description
1 polymer endo-1,4-beta-D-xylanase
2 non-polymer beta-D-xylopyranose
3 water water
#
_entity_poly.entity_id   1
_entity_poly.type   'polypeptide(L)'
_entity_poly.pdbx_seq_one_letter_code
;AESTLGAAAAQSGRYFGTAIASGKLGDSAYTTIASREFNMVTAENEMKIDATEPQRGQFNFSAGDRVYNWAVQNGKQVRG
HTLAWHSQQPGWMQSLSGSTLRQAMIDHINGVMGHYKGKIAQWDVVNEAFSDDGSGGRRDSNLQRTGNDWIEVAFRTARA
ADPAAKLCYNDYNIENWTWAKTQGVYNMVRDFKQRGVPIDCVGFQSHFNSGSPYNSNFRTTLQNFAALGVDVAITELDIQ
GASSSTYAAVTNDCLAVSRCLGITVWGVRDTDSWRSGDTPLLFNGDGSKKAAYTAVLNALNGGSSTPPPSGGGQIKGVGS
GRCLDVPNASTTDGTQVQLYDCHSATNQQWTYTDAGELRVYGDKCLDAAGTGNGTKVQIYSCWGGDNQKWRLNSDGSIVG
VQSGLCLDAVGGGTANGTLIQLYSCSNGSNQRWTRT
;
_entity_poly.pdbx_strand_id   A,B
#
loop_
_chem_comp.id
_chem_comp.type
_chem_comp.name
_chem_comp.formula
XYP D-saccharide, beta linking beta-D-xylopyranose 'C5 H10 O5'
#
# COMPACT_ATOMS: atom_id res chain seq x y z
N ALA A 1 -32.03 7.31 9.31
CA ALA A 1 -31.09 6.18 9.02
C ALA A 1 -29.67 6.71 9.11
N GLU A 2 -28.73 5.84 9.47
CA GLU A 2 -27.36 6.27 9.62
C GLU A 2 -26.31 5.16 9.61
N SER A 3 -26.60 4.05 8.94
CA SER A 3 -25.64 2.95 8.86
C SER A 3 -24.98 2.92 7.48
N THR A 4 -25.52 3.70 6.54
CA THR A 4 -24.97 3.79 5.19
C THR A 4 -24.74 5.26 4.87
N LEU A 5 -23.81 5.53 3.96
CA LEU A 5 -23.48 6.90 3.59
C LEU A 5 -24.68 7.67 3.06
N GLY A 6 -25.43 7.07 2.14
CA GLY A 6 -26.58 7.74 1.59
C GLY A 6 -27.56 8.16 2.67
N ALA A 7 -27.94 7.22 3.53
CA ALA A 7 -28.88 7.48 4.62
C ALA A 7 -28.38 8.54 5.58
N ALA A 8 -27.11 8.46 5.94
CA ALA A 8 -26.53 9.43 6.87
C ALA A 8 -26.57 10.83 6.25
N ALA A 9 -26.31 10.91 4.95
CA ALA A 9 -26.32 12.19 4.26
C ALA A 9 -27.75 12.74 4.16
N ALA A 10 -28.71 11.85 3.94
CA ALA A 10 -30.11 12.25 3.81
C ALA A 10 -30.64 12.92 5.08
N GLN A 11 -30.03 12.62 6.22
CA GLN A 11 -30.44 13.21 7.50
C GLN A 11 -30.34 14.73 7.46
N SER A 12 -29.44 15.25 6.65
CA SER A 12 -29.27 16.69 6.54
C SER A 12 -29.74 17.19 5.19
N GLY A 13 -30.59 16.40 4.54
CA GLY A 13 -31.12 16.77 3.24
C GLY A 13 -30.14 16.67 2.10
N ARG A 14 -29.03 15.96 2.34
CA ARG A 14 -28.00 15.82 1.33
C ARG A 14 -27.96 14.41 0.76
N TYR A 15 -27.06 14.20 -0.19
CA TYR A 15 -26.90 12.89 -0.80
C TYR A 15 -25.43 12.48 -0.78
N PHE A 16 -25.18 11.18 -0.88
CA PHE A 16 -23.80 10.72 -0.99
C PHE A 16 -23.85 9.81 -2.21
N GLY A 17 -23.12 10.18 -3.25
CA GLY A 17 -23.16 9.39 -4.47
C GLY A 17 -21.85 8.79 -4.91
N THR A 18 -21.90 8.15 -6.07
CA THR A 18 -20.73 7.54 -6.65
C THR A 18 -20.84 7.57 -8.16
N ALA A 19 -19.76 7.19 -8.82
CA ALA A 19 -19.71 7.13 -10.26
C ALA A 19 -19.95 5.66 -10.58
N ILE A 20 -20.90 5.40 -11.47
CA ILE A 20 -21.24 4.04 -11.85
C ILE A 20 -20.75 3.70 -13.26
N ALA A 21 -20.08 2.56 -13.38
CA ALA A 21 -19.59 2.10 -14.67
C ALA A 21 -20.58 0.99 -15.07
N SER A 22 -21.34 1.23 -16.14
CA SER A 22 -22.35 0.29 -16.60
C SER A 22 -21.89 -1.17 -16.69
N GLY A 23 -20.64 -1.38 -17.13
CA GLY A 23 -20.13 -2.74 -17.25
C GLY A 23 -20.02 -3.48 -15.94
N LYS A 24 -19.83 -2.74 -14.84
CA LYS A 24 -19.68 -3.35 -13.54
C LYS A 24 -21.02 -3.68 -12.87
N LEU A 25 -22.12 -3.18 -13.43
CA LEU A 25 -23.44 -3.43 -12.87
C LEU A 25 -23.82 -4.91 -12.96
N GLY A 26 -22.98 -5.69 -13.66
CA GLY A 26 -23.24 -7.11 -13.78
C GLY A 26 -22.52 -7.90 -12.70
N ASP A 27 -21.72 -7.20 -11.88
CA ASP A 27 -20.97 -7.84 -10.81
C ASP A 27 -21.64 -7.63 -9.45
N SER A 28 -22.07 -8.73 -8.83
CA SER A 28 -22.74 -8.71 -7.52
C SER A 28 -21.99 -7.93 -6.44
N ALA A 29 -20.69 -8.20 -6.32
CA ALA A 29 -19.88 -7.54 -5.31
C ALA A 29 -19.95 -6.02 -5.49
N TYR A 30 -19.97 -5.60 -6.76
CA TYR A 30 -20.03 -4.18 -7.09
C TYR A 30 -21.40 -3.60 -6.72
N THR A 31 -22.45 -4.19 -7.27
CA THR A 31 -23.79 -3.71 -7.03
C THR A 31 -24.25 -3.82 -5.58
N THR A 32 -23.70 -4.77 -4.84
CA THR A 32 -24.10 -4.92 -3.44
C THR A 32 -23.68 -3.66 -2.68
N ILE A 33 -22.47 -3.18 -2.94
CA ILE A 33 -21.98 -1.98 -2.28
C ILE A 33 -22.68 -0.74 -2.83
N ALA A 34 -22.69 -0.61 -4.16
CA ALA A 34 -23.29 0.53 -4.83
C ALA A 34 -24.75 0.81 -4.51
N SER A 35 -25.58 -0.23 -4.56
CA SER A 35 -27.01 -0.05 -4.27
C SER A 35 -27.30 0.28 -2.81
N ARG A 36 -26.43 -0.20 -1.93
CA ARG A 36 -26.58 0.00 -0.48
C ARG A 36 -26.10 1.34 0.09
N GLU A 37 -24.92 1.76 -0.35
CA GLU A 37 -24.32 2.98 0.18
C GLU A 37 -24.63 4.33 -0.45
N PHE A 38 -25.07 4.35 -1.72
CA PHE A 38 -25.30 5.64 -2.38
C PHE A 38 -26.72 5.94 -2.82
N ASN A 39 -27.11 7.22 -2.75
CA ASN A 39 -28.43 7.63 -3.19
C ASN A 39 -28.37 8.64 -4.34
N MET A 40 -27.20 8.68 -4.99
CA MET A 40 -26.99 9.57 -6.13
C MET A 40 -26.01 8.86 -7.05
N VAL A 41 -26.27 8.95 -8.35
CA VAL A 41 -25.40 8.30 -9.32
C VAL A 41 -24.97 9.22 -10.45
N THR A 42 -23.75 9.01 -10.92
CA THR A 42 -23.21 9.75 -12.05
C THR A 42 -22.68 8.64 -12.97
N ALA A 43 -23.02 8.71 -14.26
CA ALA A 43 -22.52 7.71 -15.18
C ALA A 43 -21.06 8.07 -15.42
N GLU A 44 -20.15 7.13 -15.16
CA GLU A 44 -18.74 7.46 -15.33
C GLU A 44 -18.36 7.80 -16.78
N ASN A 45 -18.99 7.15 -17.75
CA ASN A 45 -18.67 7.40 -19.16
C ASN A 45 -19.89 7.40 -20.10
N GLU A 46 -20.94 6.70 -19.70
CA GLU A 46 -22.13 6.54 -20.52
C GLU A 46 -22.90 7.78 -21.00
N MET A 47 -22.70 8.93 -20.37
CA MET A 47 -23.42 10.12 -20.80
C MET A 47 -22.52 11.22 -21.37
N LYS A 48 -21.30 10.84 -21.73
CA LYS A 48 -20.38 11.81 -22.32
C LYS A 48 -20.76 12.06 -23.77
N ILE A 49 -20.16 13.07 -24.38
CA ILE A 49 -20.45 13.43 -25.76
C ILE A 49 -20.18 12.28 -26.74
N ASP A 50 -18.98 11.70 -26.67
CA ASP A 50 -18.62 10.60 -27.56
C ASP A 50 -19.54 9.40 -27.40
N ALA A 51 -19.99 9.15 -26.17
CA ALA A 51 -20.86 8.02 -25.88
C ALA A 51 -22.31 8.24 -26.24
N THR A 52 -22.74 9.49 -26.35
CA THR A 52 -24.13 9.78 -26.67
C THR A 52 -24.36 10.20 -28.11
N GLU A 53 -23.33 10.75 -28.75
CA GLU A 53 -23.46 11.18 -30.14
C GLU A 53 -22.22 10.74 -30.92
N PRO A 54 -22.10 9.42 -31.20
CA PRO A 54 -20.99 8.81 -31.93
C PRO A 54 -20.79 9.49 -33.28
N GLN A 55 -21.90 9.87 -33.90
CA GLN A 55 -21.90 10.56 -35.17
C GLN A 55 -22.85 11.71 -34.98
N ARG A 56 -22.58 12.85 -35.60
CA ARG A 56 -23.46 14.00 -35.42
C ARG A 56 -24.88 13.70 -35.86
N GLY A 57 -25.84 14.03 -35.01
CA GLY A 57 -27.23 13.78 -35.32
C GLY A 57 -27.69 12.37 -34.98
N GLN A 58 -26.75 11.46 -34.74
CA GLN A 58 -27.09 10.08 -34.40
C GLN A 58 -26.83 9.81 -32.93
N PHE A 59 -27.86 9.96 -32.10
CA PHE A 59 -27.74 9.77 -30.67
C PHE A 59 -27.93 8.32 -30.21
N ASN A 60 -27.09 7.91 -29.26
CA ASN A 60 -27.13 6.56 -28.72
C ASN A 60 -27.18 6.64 -27.19
N PHE A 61 -28.38 6.50 -26.65
CA PHE A 61 -28.60 6.59 -25.20
C PHE A 61 -28.73 5.24 -24.50
N SER A 62 -28.34 4.16 -25.15
CA SER A 62 -28.48 2.85 -24.55
C SER A 62 -27.72 2.71 -23.23
N ALA A 63 -26.41 2.92 -23.29
CA ALA A 63 -25.58 2.81 -22.11
C ALA A 63 -26.00 3.81 -21.04
N GLY A 64 -26.29 5.03 -21.46
CA GLY A 64 -26.71 6.05 -20.50
C GLY A 64 -28.00 5.71 -19.79
N ASP A 65 -28.99 5.22 -20.53
CA ASP A 65 -30.28 4.86 -19.94
C ASP A 65 -30.17 3.67 -19.00
N ARG A 66 -29.26 2.75 -19.30
CA ARG A 66 -29.08 1.55 -18.47
C ARG A 66 -28.60 2.00 -17.08
N VAL A 67 -27.66 2.96 -17.05
CA VAL A 67 -27.17 3.46 -15.78
C VAL A 67 -28.27 4.26 -15.10
N TYR A 68 -28.95 5.09 -15.87
CA TYR A 68 -30.04 5.91 -15.34
C TYR A 68 -31.13 5.05 -14.69
N ASN A 69 -31.57 4.02 -15.42
CA ASN A 69 -32.62 3.16 -14.91
C ASN A 69 -32.19 2.44 -13.64
N TRP A 70 -30.98 1.89 -13.63
CA TRP A 70 -30.48 1.18 -12.45
C TRP A 70 -30.52 2.13 -11.25
N ALA A 71 -30.07 3.37 -11.47
CA ALA A 71 -30.07 4.37 -10.41
C ALA A 71 -31.46 4.58 -9.83
N VAL A 72 -32.40 5.01 -10.66
CA VAL A 72 -33.77 5.26 -10.19
C VAL A 72 -34.40 4.03 -9.55
N GLN A 73 -34.22 2.85 -10.16
CA GLN A 73 -34.78 1.63 -9.62
C GLN A 73 -34.21 1.30 -8.23
N ASN A 74 -33.00 1.75 -7.96
CA ASN A 74 -32.38 1.48 -6.67
C ASN A 74 -32.40 2.68 -5.74
N GLY A 75 -33.34 3.59 -5.99
CA GLY A 75 -33.49 4.76 -5.14
C GLY A 75 -32.40 5.80 -5.18
N LYS A 76 -31.87 6.10 -6.37
CA LYS A 76 -30.84 7.11 -6.49
C LYS A 76 -31.21 8.15 -7.54
N GLN A 77 -30.85 9.40 -7.28
CA GLN A 77 -31.10 10.45 -8.26
C GLN A 77 -29.87 10.37 -9.18
N VAL A 78 -29.85 11.18 -10.23
CA VAL A 78 -28.75 11.13 -11.20
C VAL A 78 -28.16 12.49 -11.57
N ARG A 79 -26.83 12.53 -11.69
CA ARG A 79 -26.14 13.74 -12.14
C ARG A 79 -25.77 13.45 -13.59
N GLY A 80 -26.13 14.34 -14.51
CA GLY A 80 -25.79 14.15 -15.91
C GLY A 80 -24.35 14.60 -16.14
N HIS A 81 -23.55 13.76 -16.77
CA HIS A 81 -22.13 14.07 -17.00
C HIS A 81 -21.67 13.56 -18.37
N THR A 82 -21.35 14.43 -19.33
CA THR A 82 -21.38 15.89 -19.22
C THR A 82 -21.70 16.40 -20.64
N LEU A 83 -22.30 17.59 -20.75
CA LEU A 83 -22.72 18.12 -22.06
C LEU A 83 -21.74 18.86 -22.97
N ALA A 84 -20.96 19.77 -22.43
CA ALA A 84 -20.00 20.54 -23.24
C ALA A 84 -18.61 20.36 -22.63
N TRP A 85 -17.71 19.79 -23.41
CA TRP A 85 -16.37 19.50 -22.92
C TRP A 85 -15.38 19.42 -24.07
N HIS A 86 -14.19 19.97 -23.86
CA HIS A 86 -13.14 19.98 -24.86
C HIS A 86 -12.52 18.59 -25.02
N SER A 87 -12.52 17.83 -23.93
CA SER A 87 -11.93 16.50 -23.92
C SER A 87 -12.90 15.37 -24.24
N GLN A 88 -12.35 14.28 -24.77
CA GLN A 88 -13.13 13.09 -25.11
C GLN A 88 -14.30 13.38 -26.05
N GLN A 89 -14.10 14.30 -26.98
CA GLN A 89 -15.13 14.63 -27.96
C GLN A 89 -15.07 13.59 -29.07
N PRO A 90 -16.21 13.29 -29.71
CA PRO A 90 -16.19 12.31 -30.79
C PRO A 90 -15.24 12.82 -31.89
N GLY A 91 -14.66 11.90 -32.64
CA GLY A 91 -13.74 12.29 -33.70
C GLY A 91 -14.28 13.39 -34.59
N TRP A 92 -15.56 13.32 -34.95
CA TRP A 92 -16.17 14.32 -35.81
C TRP A 92 -16.21 15.73 -35.21
N MET A 93 -16.54 15.82 -33.92
CA MET A 93 -16.61 17.12 -33.26
C MET A 93 -15.23 17.75 -33.12
N GLN A 94 -14.24 16.92 -32.84
CA GLN A 94 -12.88 17.40 -32.65
C GLN A 94 -12.34 18.14 -33.87
N SER A 95 -12.87 17.79 -35.06
CA SER A 95 -12.41 18.41 -36.29
C SER A 95 -13.20 19.66 -36.63
N LEU A 96 -14.21 19.98 -35.82
CA LEU A 96 -15.03 21.15 -36.06
C LEU A 96 -14.44 22.39 -35.40
N SER A 97 -14.78 23.55 -35.94
CA SER A 97 -14.29 24.82 -35.41
C SER A 97 -15.31 25.91 -35.69
N GLY A 98 -15.03 27.12 -35.22
CA GLY A 98 -15.93 28.25 -35.45
C GLY A 98 -17.41 27.97 -35.20
N SER A 99 -18.25 28.61 -36.02
CA SER A 99 -19.70 28.48 -35.89
C SER A 99 -20.23 27.07 -36.16
N THR A 100 -19.50 26.29 -36.95
CA THR A 100 -19.95 24.93 -37.23
C THR A 100 -19.90 24.15 -35.92
N LEU A 101 -18.79 24.30 -35.19
CA LEU A 101 -18.64 23.62 -33.91
C LEU A 101 -19.65 24.17 -32.90
N ARG A 102 -19.85 25.48 -32.92
CA ARG A 102 -20.80 26.13 -32.02
C ARG A 102 -22.19 25.51 -32.16
N GLN A 103 -22.61 25.29 -33.39
CA GLN A 103 -23.91 24.71 -33.65
C GLN A 103 -23.95 23.24 -33.19
N ALA A 104 -22.83 22.56 -33.36
CA ALA A 104 -22.72 21.15 -32.94
C ALA A 104 -22.92 21.06 -31.44
N MET A 105 -22.21 21.92 -30.70
CA MET A 105 -22.32 21.95 -29.24
C MET A 105 -23.75 22.16 -28.80
N ILE A 106 -24.39 23.18 -29.38
CA ILE A 106 -25.77 23.52 -29.06
C ILE A 106 -26.70 22.35 -29.36
N ASP A 107 -26.52 21.75 -30.53
CA ASP A 107 -27.34 20.61 -30.93
C ASP A 107 -27.16 19.42 -29.98
N HIS A 108 -25.93 19.14 -29.60
CA HIS A 108 -25.68 18.03 -28.69
C HIS A 108 -26.40 18.25 -27.36
N ILE A 109 -26.30 19.47 -26.84
CA ILE A 109 -26.95 19.82 -25.59
C ILE A 109 -28.45 19.58 -25.65
N ASN A 110 -29.07 20.01 -26.75
CA ASN A 110 -30.50 19.84 -26.93
C ASN A 110 -30.87 18.36 -27.06
N GLY A 111 -30.06 17.62 -27.80
CA GLY A 111 -30.34 16.20 -27.99
C GLY A 111 -30.32 15.42 -26.69
N VAL A 112 -29.22 15.51 -25.95
CA VAL A 112 -29.07 14.77 -24.70
C VAL A 112 -30.06 15.24 -23.62
N MET A 113 -30.16 16.55 -23.41
CA MET A 113 -31.06 17.07 -22.40
C MET A 113 -32.52 16.79 -22.76
N GLY A 114 -32.83 16.84 -24.04
CA GLY A 114 -34.20 16.56 -24.44
C GLY A 114 -34.55 15.14 -24.07
N HIS A 115 -33.67 14.21 -24.38
CA HIS A 115 -33.87 12.80 -24.07
C HIS A 115 -34.10 12.57 -22.58
N TYR A 116 -33.30 13.22 -21.75
CA TYR A 116 -33.40 13.07 -20.30
C TYR A 116 -34.17 14.19 -19.61
N LYS A 117 -34.95 14.96 -20.38
CA LYS A 117 -35.70 16.06 -19.82
C LYS A 117 -36.52 15.72 -18.57
N GLY A 118 -36.29 16.46 -17.49
CA GLY A 118 -37.01 16.26 -16.26
C GLY A 118 -36.63 15.05 -15.41
N LYS A 119 -35.57 14.35 -15.79
CA LYS A 119 -35.16 13.17 -15.04
C LYS A 119 -33.77 13.31 -14.41
N ILE A 120 -33.09 14.41 -14.71
CA ILE A 120 -31.75 14.63 -14.20
C ILE A 120 -31.72 15.74 -13.15
N ALA A 121 -31.24 15.40 -11.95
CA ALA A 121 -31.18 16.34 -10.84
C ALA A 121 -30.21 17.47 -11.15
N GLN A 122 -29.02 17.11 -11.62
CA GLN A 122 -28.00 18.09 -11.95
C GLN A 122 -27.31 17.69 -13.25
N TRP A 123 -26.99 18.68 -14.07
CA TRP A 123 -26.28 18.43 -15.32
C TRP A 123 -24.96 19.19 -15.31
N ASP A 124 -23.88 18.50 -15.61
CA ASP A 124 -22.60 19.19 -15.72
C ASP A 124 -22.69 19.67 -17.17
N VAL A 125 -23.26 20.85 -17.36
CA VAL A 125 -23.44 21.43 -18.68
C VAL A 125 -22.10 21.67 -19.36
N VAL A 126 -21.21 22.38 -18.67
CA VAL A 126 -19.88 22.65 -19.20
C VAL A 126 -18.87 22.03 -18.25
N ASN A 127 -17.82 21.44 -18.82
CA ASN A 127 -16.81 20.78 -18.01
C ASN A 127 -15.37 21.19 -18.35
N GLU A 128 -14.59 21.46 -17.30
CA GLU A 128 -13.18 21.82 -17.42
C GLU A 128 -12.82 22.82 -18.52
N ALA A 129 -13.47 23.98 -18.48
CA ALA A 129 -13.23 25.02 -19.46
C ALA A 129 -12.10 25.98 -19.09
N PHE A 130 -11.51 25.78 -17.92
CA PHE A 130 -10.41 26.64 -17.48
C PHE A 130 -9.05 25.99 -17.50
N SER A 131 -8.02 26.79 -17.74
CA SER A 131 -6.65 26.34 -17.83
C SER A 131 -5.98 26.10 -16.49
N ASP A 132 -4.88 25.33 -16.52
CA ASP A 132 -4.10 25.02 -15.32
C ASP A 132 -2.75 25.74 -15.37
N ASP A 133 -2.53 26.58 -16.37
CA ASP A 133 -1.26 27.28 -16.51
C ASP A 133 -1.02 28.37 -15.48
N GLY A 134 -2.04 28.74 -14.72
CA GLY A 134 -1.86 29.77 -13.71
C GLY A 134 -2.37 31.14 -14.10
N SER A 135 -2.80 31.29 -15.34
CA SER A 135 -3.32 32.56 -15.83
C SER A 135 -4.71 32.82 -15.29
N GLY A 136 -5.41 31.74 -14.93
CA GLY A 136 -6.76 31.88 -14.42
C GLY A 136 -7.73 32.09 -15.58
N GLY A 137 -7.22 31.88 -16.79
CA GLY A 137 -8.03 32.05 -17.98
C GLY A 137 -8.55 30.76 -18.58
N ARG A 138 -9.31 30.88 -19.66
CA ARG A 138 -9.90 29.74 -20.36
C ARG A 138 -8.84 28.89 -21.04
N ARG A 139 -8.99 27.57 -20.98
CA ARG A 139 -8.05 26.69 -21.65
C ARG A 139 -8.37 26.83 -23.13
N ASP A 140 -7.34 26.88 -23.97
CA ASP A 140 -7.56 27.04 -25.40
C ASP A 140 -7.99 25.74 -26.07
N SER A 141 -9.26 25.68 -26.45
CA SER A 141 -9.80 24.49 -27.10
C SER A 141 -10.64 24.93 -28.29
N ASN A 142 -11.05 23.98 -29.12
CA ASN A 142 -11.87 24.32 -30.27
C ASN A 142 -13.13 25.03 -29.81
N LEU A 143 -13.65 24.62 -28.66
CA LEU A 143 -14.86 25.22 -28.11
C LEU A 143 -14.66 26.69 -27.74
N GLN A 144 -13.54 26.99 -27.08
CA GLN A 144 -13.23 28.35 -26.67
C GLN A 144 -12.95 29.26 -27.87
N ARG A 145 -12.36 28.68 -28.92
CA ARG A 145 -12.04 29.46 -30.13
C ARG A 145 -13.31 29.83 -30.89
N THR A 146 -14.44 29.25 -30.50
CA THR A 146 -15.69 29.57 -31.15
C THR A 146 -16.18 30.91 -30.65
N GLY A 147 -15.66 31.32 -29.50
CA GLY A 147 -16.05 32.58 -28.90
C GLY A 147 -16.13 32.40 -27.40
N ASN A 148 -15.59 33.37 -26.66
CA ASN A 148 -15.58 33.31 -25.20
C ASN A 148 -16.96 33.11 -24.58
N ASP A 149 -18.00 33.46 -25.34
CA ASP A 149 -19.37 33.33 -24.85
C ASP A 149 -19.92 31.92 -24.98
N TRP A 150 -19.11 30.97 -25.43
CA TRP A 150 -19.60 29.61 -25.61
C TRP A 150 -20.17 28.99 -24.32
N ILE A 151 -19.54 29.25 -23.18
CA ILE A 151 -20.05 28.70 -21.94
C ILE A 151 -21.44 29.26 -21.66
N GLU A 152 -21.57 30.58 -21.76
CA GLU A 152 -22.85 31.24 -21.52
C GLU A 152 -23.92 30.66 -22.43
N VAL A 153 -23.59 30.50 -23.71
CA VAL A 153 -24.52 29.95 -24.70
C VAL A 153 -24.91 28.55 -24.27
N ALA A 154 -23.92 27.76 -23.84
CA ALA A 154 -24.20 26.40 -23.41
C ALA A 154 -25.25 26.37 -22.29
N PHE A 155 -25.10 27.25 -21.31
CA PHE A 155 -26.03 27.31 -20.20
C PHE A 155 -27.41 27.81 -20.58
N ARG A 156 -27.47 28.80 -21.47
CA ARG A 156 -28.76 29.31 -21.91
C ARG A 156 -29.49 28.21 -22.66
N THR A 157 -28.78 27.50 -23.53
CA THR A 157 -29.37 26.41 -24.28
C THR A 157 -29.89 25.34 -23.31
N ALA A 158 -29.06 24.98 -22.35
CA ALA A 158 -29.41 23.98 -21.35
C ALA A 158 -30.67 24.33 -20.56
N ARG A 159 -30.79 25.58 -20.13
CA ARG A 159 -31.96 26.00 -19.38
C ARG A 159 -33.23 25.78 -20.20
N ALA A 160 -33.20 26.24 -21.45
CA ALA A 160 -34.33 26.09 -22.34
C ALA A 160 -34.64 24.63 -22.60
N ALA A 161 -33.60 23.82 -22.77
CA ALA A 161 -33.76 22.39 -23.03
C ALA A 161 -34.48 21.67 -21.90
N ASP A 162 -34.10 21.95 -20.66
CA ASP A 162 -34.73 21.32 -19.50
C ASP A 162 -34.70 22.25 -18.31
N PRO A 163 -35.81 22.97 -18.06
CA PRO A 163 -35.89 23.91 -16.94
C PRO A 163 -35.86 23.27 -15.55
N ALA A 164 -36.14 21.97 -15.46
CA ALA A 164 -36.17 21.28 -14.18
C ALA A 164 -34.81 20.81 -13.67
N ALA A 165 -33.80 20.82 -14.52
CA ALA A 165 -32.48 20.38 -14.11
C ALA A 165 -31.60 21.50 -13.59
N LYS A 166 -30.85 21.24 -12.54
CA LYS A 166 -29.95 22.25 -12.00
C LYS A 166 -28.74 22.22 -12.94
N LEU A 167 -28.35 23.39 -13.44
CA LEU A 167 -27.24 23.48 -14.37
C LEU A 167 -25.95 23.83 -13.67
N CYS A 168 -24.99 22.90 -13.70
CA CYS A 168 -23.71 23.13 -13.05
C CYS A 168 -22.56 23.33 -14.01
N TYR A 169 -21.55 24.03 -13.52
CA TYR A 169 -20.31 24.22 -14.24
C TYR A 169 -19.40 23.30 -13.41
N ASN A 170 -18.76 22.34 -14.06
CA ASN A 170 -17.91 21.37 -13.36
C ASN A 170 -16.45 21.50 -13.75
N ASP A 171 -15.56 21.42 -12.76
CA ASP A 171 -14.13 21.54 -13.04
C ASP A 171 -13.29 21.03 -11.87
N TYR A 172 -12.01 20.81 -12.12
CA TYR A 172 -11.09 20.34 -11.08
C TYR A 172 -10.08 21.45 -10.78
N ASN A 173 -9.35 21.30 -9.70
CA ASN A 173 -8.36 22.30 -9.30
C ASN A 173 -9.01 23.65 -9.03
N ILE A 174 -10.30 23.64 -8.70
CA ILE A 174 -11.01 24.88 -8.38
C ILE A 174 -11.48 24.81 -6.92
N GLU A 175 -10.82 23.95 -6.15
CA GLU A 175 -11.14 23.76 -4.74
C GLU A 175 -10.35 24.73 -3.84
N ASN A 176 -9.08 24.95 -4.18
CA ASN A 176 -8.24 25.84 -3.38
C ASN A 176 -8.53 27.30 -3.72
N TRP A 177 -9.11 28.01 -2.76
CA TRP A 177 -9.47 29.41 -2.96
C TRP A 177 -8.37 30.33 -3.47
N THR A 178 -7.11 30.01 -3.22
CA THR A 178 -6.02 30.86 -3.66
C THR A 178 -5.54 30.63 -5.09
N TRP A 179 -5.89 29.50 -5.67
CA TRP A 179 -5.46 29.21 -7.04
C TRP A 179 -6.12 30.12 -8.07
N ALA A 180 -5.37 30.48 -9.10
CA ALA A 180 -5.86 31.36 -10.16
C ALA A 180 -7.07 30.77 -10.84
N LYS A 181 -7.02 29.47 -11.11
CA LYS A 181 -8.12 28.78 -11.77
C LYS A 181 -9.42 28.96 -11.00
N THR A 182 -9.35 28.78 -9.68
CA THR A 182 -10.51 28.93 -8.81
C THR A 182 -11.12 30.32 -8.96
N GLN A 183 -10.25 31.33 -8.91
CA GLN A 183 -10.68 32.71 -9.05
C GLN A 183 -11.29 32.94 -10.43
N GLY A 184 -10.70 32.28 -11.43
CA GLY A 184 -11.21 32.42 -12.77
C GLY A 184 -12.66 32.01 -12.83
N VAL A 185 -12.96 30.81 -12.33
CA VAL A 185 -14.32 30.28 -12.32
C VAL A 185 -15.24 31.13 -11.47
N TYR A 186 -14.72 31.61 -10.35
CA TYR A 186 -15.49 32.44 -9.44
C TYR A 186 -15.98 33.71 -10.15
N ASN A 187 -15.07 34.43 -10.79
CA ASN A 187 -15.41 35.65 -11.49
C ASN A 187 -16.44 35.39 -12.60
N MET A 188 -16.25 34.30 -13.34
CA MET A 188 -17.20 33.96 -14.40
C MET A 188 -18.58 33.75 -13.80
N VAL A 189 -18.68 32.89 -12.80
CA VAL A 189 -19.99 32.64 -12.18
C VAL A 189 -20.57 33.91 -11.59
N ARG A 190 -19.73 34.75 -11.00
CA ARG A 190 -20.21 36.00 -10.42
C ARG A 190 -20.84 36.82 -11.55
N ASP A 191 -20.11 36.95 -12.65
CA ASP A 191 -20.58 37.70 -13.81
C ASP A 191 -21.89 37.10 -14.33
N PHE A 192 -21.93 35.78 -14.44
CA PHE A 192 -23.13 35.10 -14.92
C PHE A 192 -24.35 35.44 -14.06
N LYS A 193 -24.20 35.34 -12.74
CA LYS A 193 -25.30 35.62 -11.85
C LYS A 193 -25.74 37.08 -11.94
N GLN A 194 -24.78 38.00 -12.03
CA GLN A 194 -25.09 39.42 -12.15
C GLN A 194 -25.83 39.74 -13.44
N ARG A 195 -25.47 39.06 -14.53
CA ARG A 195 -26.12 39.31 -15.82
C ARG A 195 -27.34 38.43 -16.07
N GLY A 196 -27.61 37.50 -15.16
CA GLY A 196 -28.76 36.64 -15.32
C GLY A 196 -28.53 35.43 -16.20
N VAL A 197 -27.28 35.00 -16.32
CA VAL A 197 -26.97 33.81 -17.11
C VAL A 197 -27.50 32.66 -16.26
N PRO A 198 -28.29 31.76 -16.85
CA PRO A 198 -28.84 30.62 -16.11
C PRO A 198 -27.85 29.54 -15.68
N ILE A 199 -27.33 29.67 -14.46
CA ILE A 199 -26.41 28.70 -13.88
C ILE A 199 -26.87 28.52 -12.43
N ASP A 200 -27.04 27.27 -12.01
CA ASP A 200 -27.53 26.99 -10.67
C ASP A 200 -26.56 26.37 -9.71
N CYS A 201 -25.44 25.86 -10.24
CA CYS A 201 -24.48 25.20 -9.39
C CYS A 201 -23.09 25.13 -9.98
N VAL A 202 -22.13 24.90 -9.10
CA VAL A 202 -20.75 24.74 -9.50
C VAL A 202 -20.34 23.40 -8.92
N GLY A 203 -19.79 22.55 -9.77
CA GLY A 203 -19.36 21.25 -9.32
C GLY A 203 -17.86 21.26 -9.08
N PHE A 204 -17.45 20.85 -7.90
CA PHE A 204 -16.04 20.79 -7.57
C PHE A 204 -15.64 19.32 -7.64
N GLN A 205 -14.93 18.96 -8.72
CA GLN A 205 -14.52 17.58 -8.91
C GLN A 205 -13.88 17.00 -7.66
N SER A 206 -13.04 17.79 -7.01
CA SER A 206 -12.39 17.38 -5.78
C SER A 206 -11.48 16.16 -5.89
N HIS A 207 -10.64 16.14 -6.93
CA HIS A 207 -9.69 15.05 -7.10
C HIS A 207 -8.45 15.53 -6.33
N PHE A 208 -8.34 15.14 -5.07
CA PHE A 208 -7.22 15.57 -4.24
C PHE A 208 -6.04 14.60 -4.24
N ASN A 209 -4.83 15.14 -4.41
CA ASN A 209 -3.61 14.34 -4.41
C ASN A 209 -2.41 15.22 -4.09
N SER A 210 -1.22 14.64 -4.15
CA SER A 210 0.01 15.38 -3.86
C SER A 210 0.17 16.59 -4.77
N GLY A 211 -0.26 16.45 -6.03
CA GLY A 211 -0.16 17.55 -6.97
C GLY A 211 -1.15 18.67 -6.70
N SER A 212 -2.35 18.31 -6.26
CA SER A 212 -3.40 19.28 -5.94
C SER A 212 -4.00 18.83 -4.62
N PRO A 213 -3.31 19.10 -3.51
CA PRO A 213 -3.80 18.69 -2.19
C PRO A 213 -5.00 19.44 -1.66
N TYR A 214 -5.75 18.76 -0.80
CA TYR A 214 -6.92 19.36 -0.18
C TYR A 214 -6.41 20.45 0.74
N ASN A 215 -7.11 21.56 0.77
CA ASN A 215 -6.76 22.66 1.66
C ASN A 215 -8.02 23.06 2.39
N SER A 216 -7.91 23.30 3.69
CA SER A 216 -9.08 23.67 4.48
C SER A 216 -9.86 24.85 3.89
N ASN A 217 -9.20 25.68 3.09
CA ASN A 217 -9.91 26.83 2.51
C ASN A 217 -10.95 26.40 1.48
N PHE A 218 -11.04 25.09 1.25
CA PHE A 218 -12.04 24.56 0.33
C PHE A 218 -13.43 24.96 0.83
N ARG A 219 -13.59 25.05 2.15
CA ARG A 219 -14.88 25.44 2.72
C ARG A 219 -15.15 26.89 2.36
N THR A 220 -14.10 27.71 2.39
CA THR A 220 -14.21 29.12 2.05
C THR A 220 -14.63 29.23 0.58
N THR A 221 -14.07 28.37 -0.26
CA THR A 221 -14.41 28.37 -1.67
C THR A 221 -15.90 28.08 -1.84
N LEU A 222 -16.38 27.01 -1.20
CA LEU A 222 -17.79 26.62 -1.28
C LEU A 222 -18.70 27.74 -0.78
N GLN A 223 -18.35 28.31 0.38
CA GLN A 223 -19.13 29.38 0.97
C GLN A 223 -19.19 30.58 0.03
N ASN A 224 -18.05 30.94 -0.55
CA ASN A 224 -17.98 32.06 -1.47
C ASN A 224 -18.87 31.85 -2.68
N PHE A 225 -18.79 30.66 -3.27
CA PHE A 225 -19.63 30.38 -4.42
C PHE A 225 -21.08 30.36 -3.97
N ALA A 226 -21.33 29.79 -2.78
CA ALA A 226 -22.69 29.73 -2.24
C ALA A 226 -23.26 31.13 -2.12
N ALA A 227 -22.43 32.08 -1.69
CA ALA A 227 -22.86 33.45 -1.51
C ALA A 227 -23.20 34.11 -2.84
N LEU A 228 -22.79 33.49 -3.95
CA LEU A 228 -23.10 34.03 -5.27
C LEU A 228 -24.52 33.68 -5.68
N GLY A 229 -25.18 32.85 -4.89
CA GLY A 229 -26.53 32.46 -5.20
C GLY A 229 -26.62 31.17 -6.00
N VAL A 230 -25.59 30.34 -5.91
CA VAL A 230 -25.60 29.07 -6.63
C VAL A 230 -25.35 27.93 -5.66
N ASP A 231 -25.82 26.75 -5.99
CA ASP A 231 -25.56 25.61 -5.14
C ASP A 231 -24.17 25.13 -5.47
N VAL A 232 -23.61 24.30 -4.59
CA VAL A 232 -22.29 23.74 -4.82
C VAL A 232 -22.42 22.25 -4.62
N ALA A 233 -21.55 21.49 -5.27
CA ALA A 233 -21.56 20.04 -5.15
C ALA A 233 -20.16 19.49 -5.34
N ILE A 234 -19.82 18.50 -4.53
CA ILE A 234 -18.54 17.81 -4.63
C ILE A 234 -18.90 16.67 -5.56
N THR A 235 -18.42 16.76 -6.79
CA THR A 235 -18.77 15.83 -7.86
C THR A 235 -17.93 14.60 -8.20
N GLU A 236 -16.63 14.64 -7.94
CA GLU A 236 -15.78 13.50 -8.30
C GLU A 236 -14.72 13.22 -7.26
N LEU A 237 -15.13 13.30 -5.99
CA LEU A 237 -14.23 13.11 -4.89
C LEU A 237 -13.47 11.79 -4.78
N ASP A 238 -12.16 11.92 -4.65
CA ASP A 238 -11.27 10.80 -4.41
C ASP A 238 -10.02 11.46 -3.84
N ILE A 239 -9.48 10.84 -2.80
CA ILE A 239 -8.32 11.38 -2.12
C ILE A 239 -7.21 10.38 -2.17
N GLN A 240 -6.07 10.81 -2.73
CA GLN A 240 -4.91 9.95 -2.83
C GLN A 240 -4.56 9.43 -1.44
N GLY A 241 -4.60 8.12 -1.27
CA GLY A 241 -4.28 7.54 0.02
C GLY A 241 -5.49 7.40 0.92
N ALA A 242 -6.60 8.00 0.49
CA ALA A 242 -7.86 7.93 1.24
C ALA A 242 -7.70 8.29 2.72
N SER A 243 -6.98 9.38 2.97
CA SER A 243 -6.78 9.86 4.33
C SER A 243 -8.12 10.02 5.03
N SER A 244 -8.25 9.45 6.22
CA SER A 244 -9.49 9.53 6.98
C SER A 244 -9.84 10.95 7.37
N SER A 245 -8.87 11.70 7.86
CA SER A 245 -9.09 13.08 8.27
C SER A 245 -9.47 13.96 7.09
N THR A 246 -8.85 13.71 5.93
CA THR A 246 -9.16 14.49 4.73
C THR A 246 -10.56 14.16 4.25
N TYR A 247 -10.92 12.88 4.25
CA TYR A 247 -12.25 12.49 3.82
C TYR A 247 -13.29 13.12 4.76
N ALA A 248 -13.00 13.10 6.06
CA ALA A 248 -13.92 13.67 7.03
C ALA A 248 -13.98 15.20 6.90
N ALA A 249 -12.84 15.82 6.58
CA ALA A 249 -12.78 17.26 6.42
C ALA A 249 -13.65 17.72 5.26
N VAL A 250 -13.51 17.07 4.11
CA VAL A 250 -14.30 17.44 2.94
C VAL A 250 -15.78 17.29 3.27
N THR A 251 -16.13 16.20 3.94
CA THR A 251 -17.51 15.94 4.33
C THR A 251 -18.04 17.08 5.21
N ASN A 252 -17.29 17.45 6.24
CA ASN A 252 -17.70 18.53 7.13
C ASN A 252 -17.77 19.88 6.40
N ASP A 253 -16.98 20.03 5.34
CA ASP A 253 -17.01 21.27 4.57
C ASP A 253 -18.37 21.40 3.91
N CYS A 254 -18.88 20.28 3.38
CA CYS A 254 -20.18 20.28 2.72
C CYS A 254 -21.30 20.45 3.75
N LEU A 255 -21.18 19.77 4.89
CA LEU A 255 -22.19 19.87 5.94
C LEU A 255 -22.24 21.28 6.51
N ALA A 256 -21.15 22.02 6.37
CA ALA A 256 -21.07 23.39 6.88
C ALA A 256 -21.68 24.42 5.94
N VAL A 257 -22.02 24.01 4.74
CA VAL A 257 -22.60 24.91 3.73
C VAL A 257 -23.99 24.44 3.37
N SER A 258 -24.99 25.19 3.79
CA SER A 258 -26.38 24.81 3.53
C SER A 258 -26.66 24.59 2.05
N ARG A 259 -25.90 25.25 1.19
CA ARG A 259 -26.07 25.13 -0.26
C ARG A 259 -25.34 23.93 -0.87
N CYS A 260 -24.53 23.24 -0.07
CA CYS A 260 -23.84 22.08 -0.58
C CYS A 260 -24.83 20.92 -0.64
N LEU A 261 -25.24 20.58 -1.86
CA LEU A 261 -26.23 19.53 -2.10
C LEU A 261 -25.79 18.13 -1.67
N GLY A 262 -24.52 17.83 -1.82
CA GLY A 262 -24.05 16.50 -1.45
C GLY A 262 -22.66 16.19 -1.93
N ILE A 263 -22.24 14.95 -1.72
CA ILE A 263 -20.92 14.51 -2.12
C ILE A 263 -20.99 13.23 -2.93
N THR A 264 -20.25 13.23 -4.04
CA THR A 264 -20.16 12.06 -4.91
C THR A 264 -18.69 11.65 -4.95
N VAL A 265 -18.40 10.39 -4.64
CA VAL A 265 -17.02 9.91 -4.74
C VAL A 265 -16.91 9.26 -6.11
N TRP A 266 -15.77 9.45 -6.78
CA TRP A 266 -15.57 8.93 -8.12
C TRP A 266 -15.25 7.44 -8.24
N GLY A 267 -16.21 6.60 -7.84
CA GLY A 267 -16.01 5.16 -7.90
C GLY A 267 -16.47 4.47 -6.63
N VAL A 268 -16.71 3.17 -6.72
CA VAL A 268 -17.16 2.37 -5.59
C VAL A 268 -15.98 1.83 -4.78
N ARG A 269 -15.22 0.91 -5.37
CA ARG A 269 -14.05 0.32 -4.72
C ARG A 269 -12.80 0.91 -5.34
N ASP A 270 -11.67 0.79 -4.64
CA ASP A 270 -10.41 1.32 -5.15
C ASP A 270 -10.05 0.72 -6.50
N THR A 271 -10.39 -0.56 -6.70
CA THR A 271 -10.09 -1.23 -7.95
C THR A 271 -10.95 -0.72 -9.11
N ASP A 272 -12.02 0.01 -8.78
CA ASP A 272 -12.90 0.57 -9.81
C ASP A 272 -12.44 1.97 -10.20
N SER A 273 -11.54 2.54 -9.41
CA SER A 273 -11.04 3.89 -9.61
C SER A 273 -10.17 4.09 -10.84
N TRP A 274 -10.29 5.28 -11.44
CA TRP A 274 -9.49 5.63 -12.60
C TRP A 274 -8.05 5.85 -12.11
N ARG A 275 -7.91 5.97 -10.79
CA ARG A 275 -6.62 6.17 -10.14
C ARG A 275 -6.46 5.13 -9.02
N SER A 276 -6.70 3.87 -9.35
CA SER A 276 -6.59 2.78 -8.39
C SER A 276 -5.26 2.74 -7.65
N GLY A 277 -4.19 3.05 -8.35
CA GLY A 277 -2.87 3.06 -7.75
C GLY A 277 -2.79 3.98 -6.55
N ASP A 278 -3.72 4.92 -6.46
CA ASP A 278 -3.75 5.84 -5.34
C ASP A 278 -4.77 5.40 -4.28
N THR A 279 -5.38 4.22 -4.47
CA THR A 279 -6.38 3.69 -3.53
C THR A 279 -7.06 4.89 -2.88
N PRO A 280 -7.74 5.72 -3.69
CA PRO A 280 -8.42 6.92 -3.23
C PRO A 280 -9.90 6.85 -2.86
N LEU A 281 -10.47 5.66 -2.76
CA LEU A 281 -11.88 5.56 -2.43
C LEU A 281 -12.16 5.02 -1.03
N LEU A 282 -13.44 4.76 -0.74
CA LEU A 282 -13.86 4.31 0.59
C LEU A 282 -13.97 2.81 0.79
N PHE A 283 -13.83 2.04 -0.29
CA PHE A 283 -13.90 0.59 -0.19
C PHE A 283 -12.70 -0.07 -0.84
N ASN A 284 -12.22 -1.14 -0.22
CA ASN A 284 -11.08 -1.88 -0.76
C ASN A 284 -11.59 -2.73 -1.91
N GLY A 285 -10.66 -3.33 -2.66
CA GLY A 285 -11.04 -4.16 -3.78
C GLY A 285 -11.83 -5.38 -3.34
N ASP A 286 -11.59 -5.85 -2.11
CA ASP A 286 -12.33 -7.01 -1.63
C ASP A 286 -13.67 -6.59 -1.04
N GLY A 287 -14.04 -5.33 -1.28
CA GLY A 287 -15.32 -4.81 -0.80
C GLY A 287 -15.38 -4.38 0.64
N SER A 288 -14.29 -4.55 1.38
CA SER A 288 -14.26 -4.19 2.79
C SER A 288 -14.18 -2.68 2.99
N LYS A 289 -14.83 -2.20 4.03
CA LYS A 289 -14.85 -0.77 4.37
C LYS A 289 -13.47 -0.35 4.87
N LYS A 290 -13.01 0.80 4.39
CA LYS A 290 -11.71 1.35 4.78
C LYS A 290 -11.94 2.29 5.96
N ALA A 291 -10.85 2.64 6.65
CA ALA A 291 -10.94 3.55 7.78
C ALA A 291 -11.64 4.85 7.36
N ALA A 292 -11.39 5.29 6.13
CA ALA A 292 -11.99 6.53 5.64
C ALA A 292 -13.51 6.43 5.58
N TYR A 293 -14.02 5.25 5.27
CA TYR A 293 -15.47 5.06 5.18
C TYR A 293 -16.11 5.42 6.52
N THR A 294 -15.60 4.82 7.60
CA THR A 294 -16.13 5.08 8.93
C THR A 294 -15.98 6.54 9.34
N ALA A 295 -14.94 7.19 8.84
CA ALA A 295 -14.72 8.59 9.16
C ALA A 295 -15.81 9.45 8.49
N VAL A 296 -16.15 9.10 7.25
CA VAL A 296 -17.17 9.84 6.52
C VAL A 296 -18.54 9.62 7.15
N LEU A 297 -18.86 8.36 7.44
CA LEU A 297 -20.14 8.01 8.05
C LEU A 297 -20.33 8.69 9.41
N ASN A 298 -19.28 8.71 10.21
CA ASN A 298 -19.38 9.34 11.51
C ASN A 298 -19.57 10.85 11.35
N ALA A 299 -18.93 11.44 10.36
CA ALA A 299 -19.07 12.88 10.11
C ALA A 299 -20.50 13.20 9.65
N LEU A 300 -21.01 12.41 8.72
CA LEU A 300 -22.36 12.62 8.20
C LEU A 300 -23.41 12.49 9.30
N ASN A 301 -23.15 11.60 10.26
CA ASN A 301 -24.08 11.40 11.38
C ASN A 301 -23.96 12.45 12.48
N GLY A 302 -23.18 13.49 12.23
CA GLY A 302 -23.02 14.54 13.23
C GLY A 302 -21.86 14.38 14.19
N GLY A 303 -20.95 13.46 13.87
CA GLY A 303 -19.79 13.24 14.72
C GLY A 303 -20.10 12.91 16.17
N SER A 304 -19.06 12.75 16.98
CA SER A 304 -19.22 12.42 18.39
C SER A 304 -19.70 13.65 19.17
N SER A 305 -19.77 13.51 20.49
CA SER A 305 -20.22 14.59 21.36
C SER A 305 -19.03 15.43 21.81
N THR A 306 -17.88 14.79 21.95
CA THR A 306 -16.66 15.46 22.37
C THR A 306 -15.60 15.43 21.26
N PRO A 307 -14.87 16.54 21.07
CA PRO A 307 -13.83 16.62 20.04
C PRO A 307 -12.87 15.43 20.05
N PRO A 308 -12.74 14.74 18.90
CA PRO A 308 -11.86 13.57 18.75
C PRO A 308 -10.41 13.83 19.18
N PRO A 309 -9.75 12.82 19.76
CA PRO A 309 -8.36 12.93 20.22
C PRO A 309 -7.42 13.41 19.11
N SER A 310 -6.66 14.45 19.41
CA SER A 310 -5.73 15.02 18.44
C SER A 310 -4.37 14.32 18.46
N GLY A 311 -4.37 13.04 18.12
CA GLY A 311 -3.13 12.27 18.10
C GLY A 311 -2.56 11.97 19.48
N GLY A 312 -2.22 10.71 19.70
CA GLY A 312 -1.67 10.30 20.99
C GLY A 312 -2.73 10.31 22.07
N GLY A 313 -3.14 9.13 22.51
CA GLY A 313 -4.14 9.05 23.55
C GLY A 313 -4.46 7.63 23.99
N GLN A 314 -5.05 7.50 25.17
CA GLN A 314 -5.40 6.19 25.69
C GLN A 314 -6.70 5.68 25.08
N ILE A 315 -6.83 4.36 25.07
CA ILE A 315 -8.02 3.69 24.55
C ILE A 315 -8.46 2.81 25.72
N LYS A 316 -9.56 3.20 26.35
CA LYS A 316 -10.07 2.48 27.51
C LYS A 316 -11.26 1.58 27.23
N GLY A 317 -11.22 0.37 27.79
CA GLY A 317 -12.30 -0.57 27.62
C GLY A 317 -13.45 -0.18 28.53
N VAL A 318 -14.66 -0.12 27.98
CA VAL A 318 -15.83 0.26 28.76
C VAL A 318 -16.11 -0.71 29.90
N GLY A 319 -16.13 -2.01 29.60
CA GLY A 319 -16.42 -2.98 30.62
C GLY A 319 -15.40 -3.11 31.74
N SER A 320 -14.13 -2.88 31.41
CA SER A 320 -13.06 -3.00 32.40
C SER A 320 -12.62 -1.69 33.03
N GLY A 321 -12.72 -0.60 32.28
CA GLY A 321 -12.28 0.68 32.80
C GLY A 321 -10.75 0.76 32.73
N ARG A 322 -10.14 -0.22 32.05
CA ARG A 322 -8.70 -0.27 31.90
C ARG A 322 -8.28 0.03 30.46
N CYS A 323 -7.02 0.43 30.29
CA CYS A 323 -6.48 0.82 28.98
C CYS A 323 -5.70 -0.20 28.16
N LEU A 324 -5.72 0.00 26.85
CA LEU A 324 -4.99 -0.84 25.90
C LEU A 324 -3.53 -0.56 26.25
N ASP A 325 -2.82 -1.61 26.66
CA ASP A 325 -1.45 -1.49 27.12
C ASP A 325 -0.52 -2.54 26.53
N VAL A 326 0.67 -2.11 26.09
CA VAL A 326 1.65 -3.04 25.53
C VAL A 326 2.48 -3.49 26.74
N PRO A 327 2.37 -4.77 27.11
CA PRO A 327 3.11 -5.33 28.25
C PRO A 327 4.55 -4.85 28.41
N ASN A 328 4.83 -4.29 29.57
CA ASN A 328 6.16 -3.80 29.94
C ASN A 328 6.77 -2.77 28.99
N ALA A 329 5.94 -2.10 28.21
CA ALA A 329 6.43 -1.11 27.27
C ALA A 329 7.36 -1.78 26.28
N SER A 330 7.13 -3.07 26.03
CA SER A 330 7.95 -3.80 25.09
C SER A 330 7.73 -3.25 23.69
N THR A 331 8.77 -3.33 22.86
CA THR A 331 8.67 -2.86 21.48
C THR A 331 8.97 -4.05 20.57
N THR A 332 8.99 -5.24 21.15
CA THR A 332 9.28 -6.44 20.38
C THR A 332 8.07 -6.83 19.53
N ASP A 333 8.31 -7.00 18.24
CA ASP A 333 7.24 -7.39 17.33
C ASP A 333 6.67 -8.73 17.76
N GLY A 334 5.35 -8.81 17.82
CA GLY A 334 4.72 -10.05 18.22
C GLY A 334 4.18 -10.00 19.64
N THR A 335 4.48 -8.93 20.36
CA THR A 335 3.99 -8.81 21.72
C THR A 335 2.48 -8.55 21.70
N GLN A 336 1.72 -9.39 22.38
CA GLN A 336 0.26 -9.25 22.44
C GLN A 336 -0.16 -8.16 23.43
N VAL A 337 -1.05 -7.27 23.00
CA VAL A 337 -1.52 -6.19 23.86
C VAL A 337 -2.48 -6.70 24.94
N GLN A 338 -2.60 -5.93 26.02
CA GLN A 338 -3.43 -6.32 27.14
C GLN A 338 -4.15 -5.11 27.72
N LEU A 339 -4.98 -5.38 28.72
CA LEU A 339 -5.70 -4.34 29.44
C LEU A 339 -4.85 -4.05 30.68
N TYR A 340 -4.82 -2.80 31.11
CA TYR A 340 -4.06 -2.47 32.30
C TYR A 340 -4.50 -1.13 32.87
N ASP A 341 -4.43 -1.00 34.18
CA ASP A 341 -4.81 0.24 34.83
C ASP A 341 -4.24 1.39 34.00
N CYS A 342 -5.10 2.34 33.66
CA CYS A 342 -4.66 3.47 32.87
C CYS A 342 -3.71 4.39 33.62
N HIS A 343 -2.63 4.76 32.96
CA HIS A 343 -1.66 5.67 33.55
C HIS A 343 -0.85 6.32 32.43
N SER A 344 -0.14 7.39 32.76
CA SER A 344 0.67 8.10 31.77
C SER A 344 1.91 7.30 31.43
N ALA A 345 1.90 6.69 30.26
CA ALA A 345 3.02 5.89 29.78
C ALA A 345 2.89 5.73 28.27
N THR A 346 4.03 5.76 27.58
CA THR A 346 4.01 5.66 26.12
C THR A 346 3.37 4.35 25.63
N ASN A 347 3.51 3.28 26.42
CA ASN A 347 2.95 1.99 26.01
C ASN A 347 1.42 1.95 26.10
N GLN A 348 0.82 3.10 26.37
CA GLN A 348 -0.64 3.23 26.46
C GLN A 348 -1.11 4.40 25.61
N GLN A 349 -0.17 5.04 24.90
CA GLN A 349 -0.49 6.16 24.05
C GLN A 349 -0.60 5.73 22.59
N TRP A 350 -1.84 5.63 22.11
CA TRP A 350 -2.09 5.20 20.74
C TRP A 350 -2.50 6.35 19.86
N THR A 351 -1.98 6.37 18.64
CA THR A 351 -2.31 7.42 17.70
C THR A 351 -3.04 6.81 16.51
N TYR A 352 -4.23 7.32 16.23
CA TYR A 352 -5.02 6.83 15.11
C TYR A 352 -4.65 7.66 13.90
N THR A 353 -3.97 7.05 12.94
CA THR A 353 -3.52 7.77 11.75
C THR A 353 -4.58 7.81 10.65
N ASP A 354 -4.35 8.68 9.65
CA ASP A 354 -5.27 8.83 8.54
C ASP A 354 -5.39 7.55 7.72
N ALA A 355 -4.35 6.72 7.79
CA ALA A 355 -4.36 5.46 7.06
C ALA A 355 -5.19 4.45 7.84
N GLY A 356 -5.57 4.80 9.06
CA GLY A 356 -6.38 3.91 9.86
C GLY A 356 -5.58 3.04 10.81
N GLU A 357 -4.31 3.42 11.03
CA GLU A 357 -3.45 2.65 11.93
C GLU A 357 -3.59 3.14 13.37
N LEU A 358 -3.24 2.26 14.29
CA LEU A 358 -3.22 2.61 15.70
C LEU A 358 -1.76 2.43 16.08
N ARG A 359 -1.02 3.53 16.03
CA ARG A 359 0.39 3.53 16.32
C ARG A 359 0.77 3.75 17.78
N VAL A 360 1.88 3.14 18.18
CA VAL A 360 2.43 3.25 19.53
C VAL A 360 3.94 3.35 19.35
N TYR A 361 4.59 4.14 20.20
CA TYR A 361 6.04 4.34 20.14
C TYR A 361 6.45 5.06 18.85
N GLY A 362 5.47 5.49 18.08
CA GLY A 362 5.79 6.19 16.85
C GLY A 362 5.86 5.33 15.59
N ASP A 363 6.39 4.11 15.68
CA ASP A 363 6.48 3.28 14.50
C ASP A 363 6.06 1.83 14.67
N LYS A 364 5.25 1.53 15.69
CA LYS A 364 4.74 0.19 15.89
C LYS A 364 3.24 0.30 15.68
N CYS A 365 2.63 -0.73 15.13
CA CYS A 365 1.20 -0.70 14.81
C CYS A 365 0.37 -1.81 15.45
N LEU A 366 -0.85 -1.46 15.86
CA LEU A 366 -1.74 -2.47 16.42
C LEU A 366 -1.87 -3.39 15.24
N ASP A 367 -1.61 -4.67 15.46
CA ASP A 367 -1.58 -5.66 14.39
C ASP A 367 -2.36 -6.92 14.71
N ALA A 368 -3.10 -7.42 13.73
CA ALA A 368 -3.85 -8.65 13.89
C ALA A 368 -3.11 -9.75 13.14
N ALA A 369 -2.77 -10.81 13.85
CA ALA A 369 -2.04 -11.93 13.26
C ALA A 369 -3.03 -12.99 12.80
N GLY A 370 -3.88 -12.63 11.84
CA GLY A 370 -4.87 -13.56 11.35
C GLY A 370 -6.19 -12.86 11.17
N THR A 371 -7.20 -13.60 10.71
CA THR A 371 -8.52 -13.03 10.46
C THR A 371 -9.66 -13.72 11.20
N GLY A 372 -9.37 -14.82 11.90
CA GLY A 372 -10.43 -15.53 12.61
C GLY A 372 -10.58 -15.19 14.09
N ASN A 373 -11.66 -15.66 14.70
CA ASN A 373 -11.89 -15.43 16.13
C ASN A 373 -10.70 -15.93 16.92
N GLY A 374 -10.35 -15.21 17.97
CA GLY A 374 -9.24 -15.62 18.79
C GLY A 374 -7.90 -15.16 18.28
N THR A 375 -7.90 -14.52 17.11
CA THR A 375 -6.65 -14.02 16.55
C THR A 375 -6.04 -13.06 17.56
N LYS A 376 -4.74 -13.19 17.74
CA LYS A 376 -4.00 -12.36 18.68
C LYS A 376 -3.80 -10.93 18.17
N VAL A 377 -4.08 -9.95 19.03
CA VAL A 377 -3.88 -8.54 18.67
C VAL A 377 -2.57 -8.15 19.34
N GLN A 378 -1.60 -7.78 18.52
CA GLN A 378 -0.27 -7.44 18.98
C GLN A 378 0.25 -6.18 18.31
N ILE A 379 1.53 -5.92 18.53
CA ILE A 379 2.18 -4.78 17.91
C ILE A 379 3.16 -5.37 16.91
N TYR A 380 3.32 -4.70 15.77
CA TYR A 380 4.21 -5.16 14.72
C TYR A 380 4.68 -3.93 13.99
N SER A 381 5.84 -4.01 13.34
CA SER A 381 6.36 -2.89 12.59
C SER A 381 5.27 -2.39 11.66
N CYS A 382 5.09 -1.08 11.60
CA CYS A 382 4.07 -0.51 10.74
C CYS A 382 4.45 -0.60 9.27
N TRP A 383 3.55 -1.11 8.43
CA TRP A 383 3.83 -1.19 7.00
C TRP A 383 2.61 -0.87 6.14
N GLY A 384 1.43 -0.79 6.76
CA GLY A 384 0.24 -0.45 5.99
C GLY A 384 -0.72 -1.56 5.61
N GLY A 385 -0.45 -2.79 6.03
CA GLY A 385 -1.36 -3.87 5.69
C GLY A 385 -2.74 -3.61 6.29
N ASP A 386 -3.78 -4.20 5.69
CA ASP A 386 -5.14 -4.02 6.19
C ASP A 386 -5.30 -4.66 7.56
N ASN A 387 -4.38 -5.56 7.90
CA ASN A 387 -4.42 -6.24 9.19
C ASN A 387 -3.87 -5.28 10.25
N GLN A 388 -3.54 -4.06 9.82
CA GLN A 388 -3.04 -3.03 10.72
C GLN A 388 -3.94 -1.79 10.60
N LYS A 389 -5.01 -1.92 9.82
CA LYS A 389 -5.96 -0.83 9.63
C LYS A 389 -7.19 -1.10 10.51
N TRP A 390 -7.70 -0.05 11.14
CA TRP A 390 -8.85 -0.20 12.03
C TRP A 390 -9.91 0.88 11.83
N ARG A 391 -11.17 0.51 12.07
CA ARG A 391 -12.28 1.44 11.96
C ARG A 391 -12.83 1.70 13.36
N LEU A 392 -12.92 2.97 13.72
CA LEU A 392 -13.43 3.37 15.03
C LEU A 392 -14.91 3.68 14.92
N ASN A 393 -15.73 2.67 15.13
CA ASN A 393 -17.18 2.85 15.04
C ASN A 393 -17.75 3.77 16.10
N SER A 394 -18.86 4.41 15.77
CA SER A 394 -19.51 5.34 16.68
C SER A 394 -20.00 4.65 17.96
N ASP A 395 -20.26 3.36 17.91
CA ASP A 395 -20.72 2.65 19.11
C ASP A 395 -19.58 2.30 20.06
N GLY A 396 -18.36 2.68 19.70
CA GLY A 396 -17.21 2.40 20.55
C GLY A 396 -16.43 1.15 20.18
N SER A 397 -16.91 0.39 19.21
CA SER A 397 -16.20 -0.81 18.79
C SER A 397 -15.09 -0.42 17.82
N ILE A 398 -14.05 -1.25 17.77
CA ILE A 398 -12.92 -1.02 16.89
C ILE A 398 -12.81 -2.26 16.02
N VAL A 399 -13.06 -2.09 14.73
CA VAL A 399 -13.05 -3.21 13.79
C VAL A 399 -11.85 -3.24 12.86
N GLY A 400 -11.28 -4.43 12.69
CA GLY A 400 -10.14 -4.57 11.81
C GLY A 400 -10.66 -4.54 10.38
N VAL A 401 -9.99 -3.76 9.53
CA VAL A 401 -10.40 -3.64 8.13
C VAL A 401 -10.34 -4.97 7.39
N GLN A 402 -9.23 -5.69 7.55
CA GLN A 402 -9.06 -6.96 6.87
C GLN A 402 -10.02 -8.04 7.35
N SER A 403 -10.06 -8.24 8.67
CA SER A 403 -10.89 -9.28 9.27
C SER A 403 -12.37 -8.98 9.45
N GLY A 404 -12.71 -7.72 9.67
CA GLY A 404 -14.09 -7.38 9.89
C GLY A 404 -14.43 -7.72 11.34
N LEU A 405 -13.42 -8.15 12.08
CA LEU A 405 -13.61 -8.52 13.49
C LEU A 405 -13.30 -7.37 14.46
N CYS A 406 -13.88 -7.45 15.65
CA CYS A 406 -13.73 -6.44 16.69
C CYS A 406 -12.64 -6.71 17.73
N LEU A 407 -12.04 -5.65 18.24
CA LEU A 407 -11.04 -5.79 19.29
C LEU A 407 -11.88 -6.35 20.44
N ASP A 408 -11.37 -7.38 21.09
CA ASP A 408 -12.11 -8.05 22.15
C ASP A 408 -11.22 -8.41 23.33
N ALA A 409 -11.66 -8.04 24.53
CA ALA A 409 -10.92 -8.37 25.73
C ALA A 409 -11.30 -9.82 26.02
N VAL A 410 -10.34 -10.72 25.87
CA VAL A 410 -10.56 -12.16 26.07
C VAL A 410 -11.46 -12.55 27.24
N GLY A 411 -12.50 -13.33 26.93
CA GLY A 411 -13.43 -13.79 27.95
C GLY A 411 -14.13 -12.71 28.74
N GLY A 412 -14.09 -11.47 28.25
CA GLY A 412 -14.73 -10.38 28.95
C GLY A 412 -13.96 -10.04 30.21
N GLY A 413 -12.72 -10.53 30.31
CA GLY A 413 -11.90 -10.24 31.48
C GLY A 413 -11.77 -8.75 31.69
N THR A 414 -11.62 -8.33 32.95
CA THR A 414 -11.52 -6.91 33.27
C THR A 414 -10.25 -6.56 34.05
N ALA A 415 -9.55 -7.57 34.53
CA ALA A 415 -8.34 -7.35 35.33
C ALA A 415 -7.10 -7.05 34.50
N ASN A 416 -6.07 -6.53 35.15
CA ASN A 416 -4.81 -6.23 34.49
C ASN A 416 -4.30 -7.55 33.90
N GLY A 417 -3.67 -7.49 32.73
CA GLY A 417 -3.17 -8.70 32.14
C GLY A 417 -4.14 -9.37 31.17
N THR A 418 -5.40 -8.92 31.17
CA THR A 418 -6.38 -9.50 30.25
C THR A 418 -5.85 -9.23 28.83
N LEU A 419 -5.80 -10.29 28.02
CA LEU A 419 -5.29 -10.17 26.66
C LEU A 419 -6.34 -9.71 25.66
N ILE A 420 -5.87 -9.11 24.57
CA ILE A 420 -6.76 -8.63 23.54
C ILE A 420 -6.68 -9.53 22.31
N GLN A 421 -7.85 -9.85 21.77
CA GLN A 421 -7.95 -10.71 20.60
C GLN A 421 -8.98 -10.13 19.63
N LEU A 422 -9.10 -10.77 18.48
CA LEU A 422 -10.09 -10.38 17.50
C LEU A 422 -11.24 -11.34 17.75
N TYR A 423 -12.46 -10.86 17.61
CA TYR A 423 -13.61 -11.73 17.80
C TYR A 423 -14.83 -11.11 17.14
N SER A 424 -15.75 -11.97 16.72
CA SER A 424 -16.96 -11.51 16.07
C SER A 424 -17.56 -10.39 16.93
N CYS A 425 -17.87 -9.27 16.29
CA CYS A 425 -18.44 -8.14 17.01
C CYS A 425 -19.74 -8.56 17.70
N SER A 426 -19.89 -8.19 18.98
CA SER A 426 -21.06 -8.57 19.75
C SER A 426 -21.71 -7.43 20.51
N ASN A 427 -21.11 -6.25 20.48
CA ASN A 427 -21.63 -5.10 21.20
C ASN A 427 -21.41 -5.25 22.70
N GLY A 428 -20.61 -6.26 23.09
CA GLY A 428 -20.32 -6.49 24.48
C GLY A 428 -19.43 -5.39 25.03
N SER A 429 -19.48 -5.17 26.34
CA SER A 429 -18.67 -4.13 26.97
C SER A 429 -17.18 -4.39 26.80
N ASN A 430 -16.81 -5.64 26.60
CA ASN A 430 -15.41 -6.01 26.42
C ASN A 430 -14.98 -5.78 24.97
N GLN A 431 -15.86 -5.13 24.20
CA GLN A 431 -15.57 -4.80 22.80
C GLN A 431 -15.82 -3.34 22.52
N ARG A 432 -16.15 -2.58 23.57
CA ARG A 432 -16.40 -1.15 23.41
C ARG A 432 -15.26 -0.37 24.04
N TRP A 433 -14.86 0.71 23.38
CA TRP A 433 -13.74 1.51 23.86
C TRP A 433 -14.00 3.01 23.72
N THR A 434 -13.35 3.78 24.56
CA THR A 434 -13.47 5.22 24.53
C THR A 434 -12.07 5.80 24.53
N ARG A 435 -11.86 6.88 23.80
CA ARG A 435 -10.56 7.51 23.74
C ARG A 435 -10.57 8.81 24.53
N THR A 436 -10.08 8.73 25.77
CA THR A 436 -10.03 9.88 26.66
C THR A 436 -8.88 9.72 27.66
N ALA B 1 32.85 -5.30 -4.32
CA ALA B 1 32.32 -3.90 -4.36
C ALA B 1 31.45 -3.58 -3.16
N GLU B 2 30.75 -2.45 -3.22
CA GLU B 2 29.89 -2.01 -2.14
C GLU B 2 28.64 -1.34 -2.69
N SER B 3 28.43 -1.47 -3.99
CA SER B 3 27.27 -0.85 -4.65
C SER B 3 26.14 -1.84 -4.92
N THR B 4 26.46 -3.13 -4.97
CA THR B 4 25.44 -4.15 -5.21
C THR B 4 25.43 -5.11 -4.03
N LEU B 5 24.27 -5.73 -3.77
CA LEU B 5 24.16 -6.67 -2.66
C LEU B 5 25.16 -7.80 -2.74
N GLY B 6 25.22 -8.46 -3.90
CA GLY B 6 26.14 -9.57 -4.08
C GLY B 6 27.57 -9.18 -3.75
N ALA B 7 28.05 -8.12 -4.39
CA ALA B 7 29.41 -7.64 -4.17
C ALA B 7 29.63 -7.22 -2.71
N ALA B 8 28.61 -6.62 -2.10
CA ALA B 8 28.71 -6.20 -0.71
C ALA B 8 28.84 -7.44 0.19
N ALA B 9 27.98 -8.42 -0.04
CA ALA B 9 28.02 -9.65 0.74
C ALA B 9 29.39 -10.30 0.60
N ALA B 10 29.93 -10.30 -0.62
CA ALA B 10 31.23 -10.91 -0.89
C ALA B 10 32.33 -10.30 -0.02
N GLN B 11 32.11 -9.07 0.43
CA GLN B 11 33.09 -8.41 1.28
C GLN B 11 33.24 -9.07 2.65
N SER B 12 32.33 -9.99 2.97
CA SER B 12 32.42 -10.71 4.24
C SER B 12 32.49 -12.20 3.92
N GLY B 13 32.87 -12.51 2.67
CA GLY B 13 32.97 -13.89 2.23
C GLY B 13 31.61 -14.55 2.06
N ARG B 14 30.56 -13.74 1.93
CA ARG B 14 29.23 -14.30 1.77
C ARG B 14 28.61 -13.94 0.42
N TYR B 15 27.49 -14.59 0.12
CA TYR B 15 26.78 -14.33 -1.12
C TYR B 15 25.44 -13.70 -0.79
N PHE B 16 24.81 -13.14 -1.80
CA PHE B 16 23.47 -12.59 -1.64
C PHE B 16 22.75 -13.03 -2.89
N GLY B 17 21.75 -13.88 -2.72
CA GLY B 17 21.03 -14.38 -3.86
C GLY B 17 19.56 -14.06 -3.88
N THR B 18 18.89 -14.59 -4.90
CA THR B 18 17.47 -14.40 -5.06
C THR B 18 16.89 -15.67 -5.65
N ALA B 19 15.57 -15.69 -5.74
CA ALA B 19 14.86 -16.81 -6.33
C ALA B 19 14.52 -16.35 -7.75
N ILE B 20 14.91 -17.15 -8.74
CA ILE B 20 14.66 -16.81 -10.13
C ILE B 20 13.52 -17.63 -10.70
N ALA B 21 12.59 -16.95 -11.37
CA ALA B 21 11.45 -17.58 -12.03
C ALA B 21 11.79 -17.56 -13.51
N SER B 22 11.89 -18.74 -14.13
CA SER B 22 12.24 -18.81 -15.54
C SER B 22 11.29 -18.04 -16.45
N GLY B 23 10.01 -18.01 -16.09
CA GLY B 23 9.03 -17.30 -16.91
C GLY B 23 9.19 -15.79 -16.91
N LYS B 24 10.09 -15.28 -16.07
CA LYS B 24 10.31 -13.84 -15.98
C LYS B 24 11.64 -13.42 -16.60
N LEU B 25 12.42 -14.40 -17.05
CA LEU B 25 13.71 -14.11 -17.65
C LEU B 25 13.64 -13.35 -18.97
N GLY B 26 12.46 -13.30 -19.57
CA GLY B 26 12.31 -12.56 -20.81
C GLY B 26 12.02 -11.09 -20.53
N ASP B 27 11.89 -10.77 -19.25
CA ASP B 27 11.61 -9.41 -18.80
C ASP B 27 12.92 -8.68 -18.51
N SER B 28 13.31 -7.79 -19.41
CA SER B 28 14.56 -7.03 -19.27
C SER B 28 14.71 -6.33 -17.94
N ALA B 29 13.63 -5.75 -17.44
CA ALA B 29 13.67 -5.04 -16.16
C ALA B 29 14.05 -6.03 -15.06
N TYR B 30 13.45 -7.21 -15.12
CA TYR B 30 13.69 -8.27 -14.15
C TYR B 30 15.14 -8.74 -14.17
N THR B 31 15.60 -9.18 -15.34
CA THR B 31 16.97 -9.67 -15.49
C THR B 31 18.03 -8.61 -15.23
N THR B 32 17.75 -7.36 -15.59
CA THR B 32 18.71 -6.29 -15.34
C THR B 32 19.01 -6.22 -13.84
N ILE B 33 17.95 -6.21 -13.04
CA ILE B 33 18.09 -6.14 -11.59
C ILE B 33 18.72 -7.43 -11.03
N ALA B 34 18.16 -8.57 -11.40
CA ALA B 34 18.64 -9.86 -10.90
C ALA B 34 20.12 -10.13 -11.18
N SER B 35 20.55 -9.89 -12.41
CA SER B 35 21.93 -10.13 -12.77
C SER B 35 22.91 -9.21 -12.06
N ARG B 36 22.49 -7.96 -11.88
CA ARG B 36 23.32 -6.94 -11.24
C ARG B 36 23.53 -7.10 -9.73
N GLU B 37 22.46 -7.41 -9.01
CA GLU B 37 22.48 -7.51 -7.55
C GLU B 37 22.82 -8.82 -6.84
N PHE B 38 22.65 -9.95 -7.51
CA PHE B 38 22.88 -11.24 -6.87
C PHE B 38 23.96 -12.10 -7.49
N ASN B 39 24.64 -12.89 -6.65
CA ASN B 39 25.67 -13.80 -7.14
C ASN B 39 25.30 -15.25 -6.81
N MET B 40 24.06 -15.45 -6.37
CA MET B 40 23.55 -16.78 -6.04
C MET B 40 22.12 -16.86 -6.53
N VAL B 41 21.78 -17.98 -7.15
CA VAL B 41 20.44 -18.18 -7.69
C VAL B 41 19.79 -19.48 -7.22
N THR B 42 18.50 -19.39 -6.92
CA THR B 42 17.72 -20.57 -6.54
C THR B 42 16.55 -20.56 -7.53
N ALA B 43 16.21 -21.72 -8.08
CA ALA B 43 15.07 -21.80 -9.00
C ALA B 43 13.84 -21.77 -8.10
N GLU B 44 12.98 -20.78 -8.29
CA GLU B 44 11.79 -20.66 -7.45
C GLU B 44 10.88 -21.89 -7.49
N ASN B 45 10.79 -22.54 -8.65
CA ASN B 45 9.93 -23.72 -8.81
C ASN B 45 10.45 -24.76 -9.78
N GLU B 46 11.34 -24.34 -10.69
CA GLU B 46 11.87 -25.21 -11.74
C GLU B 46 12.67 -26.45 -11.35
N MET B 47 13.12 -26.54 -10.11
CA MET B 47 13.90 -27.71 -9.72
C MET B 47 13.18 -28.54 -8.67
N LYS B 48 11.90 -28.26 -8.47
CA LYS B 48 11.08 -29.00 -7.50
C LYS B 48 10.71 -30.36 -8.09
N ILE B 49 10.12 -31.21 -7.26
CA ILE B 49 9.77 -32.56 -7.68
C ILE B 49 8.87 -32.68 -8.90
N ASP B 50 7.78 -31.93 -8.93
CA ASP B 50 6.86 -32.00 -10.05
C ASP B 50 7.46 -31.53 -11.36
N ALA B 51 8.31 -30.51 -11.30
CA ALA B 51 8.93 -29.96 -12.51
C ALA B 51 10.06 -30.82 -13.07
N THR B 52 10.81 -31.49 -12.19
CA THR B 52 11.93 -32.32 -12.65
C THR B 52 11.58 -33.77 -12.98
N GLU B 53 10.46 -34.26 -12.47
CA GLU B 53 10.03 -35.62 -12.75
C GLU B 53 8.50 -35.65 -12.84
N PRO B 54 7.94 -35.07 -13.92
CA PRO B 54 6.51 -34.98 -14.18
C PRO B 54 5.77 -36.31 -14.22
N GLN B 55 6.47 -37.37 -14.59
CA GLN B 55 5.92 -38.72 -14.61
C GLN B 55 6.97 -39.62 -13.99
N ARG B 56 6.53 -40.68 -13.31
CA ARG B 56 7.48 -41.57 -12.64
C ARG B 56 8.54 -42.15 -13.56
N GLY B 57 9.81 -41.86 -13.25
CA GLY B 57 10.92 -42.36 -14.04
C GLY B 57 11.18 -41.51 -15.26
N GLN B 58 10.38 -40.47 -15.45
CA GLN B 58 10.53 -39.60 -16.60
C GLN B 58 11.00 -38.22 -16.14
N PHE B 59 12.31 -38.00 -16.20
CA PHE B 59 12.88 -36.74 -15.78
C PHE B 59 12.85 -35.69 -16.87
N ASN B 60 12.71 -34.43 -16.46
CA ASN B 60 12.66 -33.31 -17.39
C ASN B 60 13.35 -32.13 -16.72
N PHE B 61 14.43 -31.65 -17.33
CA PHE B 61 15.21 -30.55 -16.78
C PHE B 61 15.18 -29.27 -17.60
N SER B 62 14.26 -29.19 -18.55
CA SER B 62 14.16 -28.00 -19.40
C SER B 62 13.98 -26.71 -18.60
N ALA B 63 13.00 -26.69 -17.70
CA ALA B 63 12.74 -25.51 -16.89
C ALA B 63 13.90 -25.23 -15.94
N GLY B 64 14.41 -26.29 -15.31
CA GLY B 64 15.50 -26.13 -14.39
C GLY B 64 16.73 -25.59 -15.07
N ASP B 65 17.03 -26.11 -16.26
CA ASP B 65 18.20 -25.67 -17.00
C ASP B 65 18.10 -24.24 -17.51
N ARG B 66 16.88 -23.74 -17.73
CA ARG B 66 16.73 -22.36 -18.20
C ARG B 66 17.22 -21.43 -17.09
N VAL B 67 16.86 -21.76 -15.85
CA VAL B 67 17.31 -20.98 -14.70
C VAL B 67 18.81 -21.19 -14.53
N TYR B 68 19.22 -22.45 -14.43
CA TYR B 68 20.64 -22.78 -14.27
C TYR B 68 21.54 -22.08 -15.30
N ASN B 69 21.23 -22.24 -16.58
CA ASN B 69 22.04 -21.64 -17.65
C ASN B 69 22.13 -20.13 -17.52
N TRP B 70 21.04 -19.49 -17.14
CA TRP B 70 21.03 -18.03 -16.97
C TRP B 70 21.94 -17.65 -15.81
N ALA B 71 21.87 -18.41 -14.72
CA ALA B 71 22.69 -18.14 -13.54
C ALA B 71 24.18 -18.19 -13.84
N VAL B 72 24.63 -19.29 -14.45
CA VAL B 72 26.05 -19.41 -14.75
C VAL B 72 26.52 -18.36 -15.75
N GLN B 73 25.74 -18.13 -16.80
CA GLN B 73 26.10 -17.14 -17.79
C GLN B 73 26.29 -15.77 -17.15
N ASN B 74 25.59 -15.54 -16.06
CA ASN B 74 25.69 -14.26 -15.37
C ASN B 74 26.53 -14.36 -14.11
N GLY B 75 27.44 -15.33 -14.10
CA GLY B 75 28.34 -15.52 -12.97
C GLY B 75 27.74 -15.77 -11.60
N LYS B 76 26.67 -16.56 -11.54
CA LYS B 76 26.06 -16.85 -10.25
C LYS B 76 26.18 -18.32 -9.91
N GLN B 77 26.31 -18.62 -8.62
CA GLN B 77 26.36 -20.01 -8.18
C GLN B 77 24.88 -20.37 -8.06
N VAL B 78 24.60 -21.65 -7.83
CA VAL B 78 23.21 -22.08 -7.74
C VAL B 78 22.88 -22.97 -6.53
N ARG B 79 21.72 -22.71 -5.92
CA ARG B 79 21.26 -23.54 -4.80
C ARG B 79 20.15 -24.41 -5.40
N GLY B 80 20.31 -25.74 -5.32
CA GLY B 80 19.29 -26.63 -5.84
C GLY B 80 18.13 -26.70 -4.86
N HIS B 81 16.90 -26.59 -5.37
CA HIS B 81 15.69 -26.60 -4.54
C HIS B 81 14.50 -27.22 -5.28
N THR B 82 13.95 -28.35 -4.82
CA THR B 82 14.37 -29.10 -3.64
C THR B 82 14.08 -30.58 -3.98
N LEU B 83 14.82 -31.50 -3.37
CA LEU B 83 14.71 -32.94 -3.67
C LEU B 83 13.63 -33.82 -3.04
N ALA B 84 13.35 -33.62 -1.75
CA ALA B 84 12.35 -34.44 -1.07
C ALA B 84 11.48 -33.47 -0.27
N TRP B 85 10.18 -33.49 -0.56
CA TRP B 85 9.24 -32.56 0.06
C TRP B 85 7.80 -33.05 -0.09
N HIS B 86 6.98 -32.76 0.92
CA HIS B 86 5.57 -33.16 0.93
C HIS B 86 4.75 -32.28 0.00
N SER B 87 5.28 -31.10 -0.34
CA SER B 87 4.54 -30.18 -1.20
C SER B 87 5.00 -30.15 -2.64
N GLN B 88 4.09 -29.75 -3.52
CA GLN B 88 4.33 -29.67 -4.96
C GLN B 88 4.88 -30.98 -5.52
N GLN B 89 4.36 -32.09 -5.02
CA GLN B 89 4.76 -33.41 -5.51
C GLN B 89 3.86 -33.64 -6.72
N PRO B 90 4.40 -34.26 -7.78
CA PRO B 90 3.52 -34.49 -8.93
C PRO B 90 2.45 -35.47 -8.48
N GLY B 91 1.32 -35.50 -9.20
CA GLY B 91 0.24 -36.40 -8.84
C GLY B 91 0.65 -37.85 -8.64
N TRP B 92 1.49 -38.38 -9.51
CA TRP B 92 1.93 -39.77 -9.39
C TRP B 92 2.66 -40.04 -8.08
N MET B 93 3.27 -39.03 -7.48
CA MET B 93 3.97 -39.23 -6.22
C MET B 93 3.00 -39.08 -5.05
N GLN B 94 2.01 -38.21 -5.20
CA GLN B 94 1.03 -38.00 -4.15
C GLN B 94 0.24 -39.28 -3.90
N SER B 95 0.19 -40.14 -4.92
CA SER B 95 -0.54 -41.40 -4.86
C SER B 95 0.27 -42.50 -4.17
N LEU B 96 1.55 -42.24 -3.94
CA LEU B 96 2.42 -43.24 -3.34
C LEU B 96 2.48 -43.20 -1.82
N SER B 97 2.82 -44.35 -1.23
CA SER B 97 2.96 -44.49 0.21
C SER B 97 3.87 -45.69 0.48
N GLY B 98 4.33 -45.82 1.72
CA GLY B 98 5.18 -46.94 2.08
C GLY B 98 6.44 -47.12 1.27
N SER B 99 6.87 -48.36 1.11
CA SER B 99 8.09 -48.68 0.38
C SER B 99 8.11 -48.18 -1.06
N THR B 100 6.96 -48.14 -1.71
CA THR B 100 6.90 -47.66 -3.08
C THR B 100 7.32 -46.19 -3.13
N LEU B 101 6.83 -45.42 -2.17
CA LEU B 101 7.15 -44.00 -2.09
C LEU B 101 8.63 -43.84 -1.72
N ARG B 102 9.06 -44.61 -0.71
CA ARG B 102 10.44 -44.53 -0.28
C ARG B 102 11.41 -44.70 -1.44
N GLN B 103 11.17 -45.70 -2.29
CA GLN B 103 12.08 -45.92 -3.42
C GLN B 103 11.92 -44.82 -4.47
N ALA B 104 10.72 -44.31 -4.63
CA ALA B 104 10.49 -43.24 -5.60
C ALA B 104 11.27 -42.00 -5.14
N MET B 105 11.28 -41.75 -3.84
CA MET B 105 11.98 -40.60 -3.27
C MET B 105 13.48 -40.71 -3.54
N ILE B 106 14.01 -41.92 -3.36
CA ILE B 106 15.43 -42.18 -3.59
C ILE B 106 15.76 -42.03 -5.07
N ASP B 107 14.90 -42.59 -5.93
CA ASP B 107 15.10 -42.50 -7.37
C ASP B 107 15.09 -41.05 -7.84
N HIS B 108 14.18 -40.26 -7.28
CA HIS B 108 14.10 -38.85 -7.69
C HIS B 108 15.38 -38.12 -7.34
N ILE B 109 15.89 -38.35 -6.13
CA ILE B 109 17.11 -37.70 -5.69
C ILE B 109 18.26 -38.05 -6.63
N ASN B 110 18.40 -39.34 -6.95
CA ASN B 110 19.47 -39.76 -7.85
C ASN B 110 19.34 -39.13 -9.24
N GLY B 111 18.14 -39.16 -9.80
CA GLY B 111 17.95 -38.60 -11.13
C GLY B 111 18.25 -37.11 -11.23
N VAL B 112 17.73 -36.31 -10.30
CA VAL B 112 17.96 -34.87 -10.35
C VAL B 112 19.40 -34.47 -10.00
N MET B 113 19.97 -35.05 -8.96
CA MET B 113 21.34 -34.70 -8.60
C MET B 113 22.32 -35.17 -9.67
N GLY B 114 22.02 -36.33 -10.28
CA GLY B 114 22.87 -36.85 -11.32
C GLY B 114 22.98 -35.89 -12.49
N HIS B 115 21.85 -35.30 -12.87
CA HIS B 115 21.82 -34.34 -13.96
C HIS B 115 22.68 -33.11 -13.64
N TYR B 116 22.58 -32.64 -12.41
CA TYR B 116 23.32 -31.45 -11.99
C TYR B 116 24.62 -31.71 -11.24
N LYS B 117 25.04 -32.97 -11.22
CA LYS B 117 26.25 -33.36 -10.51
C LYS B 117 27.44 -32.42 -10.71
N GLY B 118 27.96 -31.91 -9.60
CA GLY B 118 29.11 -31.02 -9.66
C GLY B 118 28.81 -29.60 -10.10
N LYS B 119 27.54 -29.28 -10.29
CA LYS B 119 27.17 -27.94 -10.72
C LYS B 119 26.40 -27.16 -9.66
N ILE B 120 26.05 -27.83 -8.56
CA ILE B 120 25.28 -27.20 -7.49
C ILE B 120 26.06 -26.93 -6.20
N ALA B 121 26.01 -25.69 -5.73
CA ALA B 121 26.69 -25.32 -4.49
C ALA B 121 26.03 -25.95 -3.28
N GLN B 122 24.72 -25.75 -3.17
CA GLN B 122 23.94 -26.30 -2.06
C GLN B 122 22.68 -26.95 -2.59
N TRP B 123 22.25 -28.02 -1.94
CA TRP B 123 21.02 -28.70 -2.32
C TRP B 123 20.12 -28.75 -1.10
N ASP B 124 18.88 -28.32 -1.24
CA ASP B 124 17.94 -28.43 -0.14
C ASP B 124 17.47 -29.86 -0.38
N VAL B 125 18.15 -30.83 0.21
CA VAL B 125 17.80 -32.23 0.03
C VAL B 125 16.38 -32.49 0.50
N VAL B 126 16.09 -32.13 1.75
CA VAL B 126 14.76 -32.30 2.32
C VAL B 126 14.23 -30.95 2.74
N ASN B 127 12.96 -30.70 2.43
CA ASN B 127 12.31 -29.44 2.75
C ASN B 127 11.09 -29.63 3.64
N GLU B 128 10.93 -28.73 4.61
CA GLU B 128 9.78 -28.68 5.52
C GLU B 128 9.27 -30.01 6.08
N ALA B 129 10.16 -30.77 6.71
CA ALA B 129 9.78 -32.07 7.26
C ALA B 129 9.18 -32.02 8.66
N PHE B 130 9.21 -30.86 9.29
CA PHE B 130 8.65 -30.75 10.63
C PHE B 130 7.29 -30.09 10.65
N SER B 131 6.49 -30.50 11.62
CA SER B 131 5.14 -30.00 11.77
C SER B 131 5.05 -28.52 12.07
N ASP B 132 3.95 -27.93 11.66
CA ASP B 132 3.72 -26.52 11.90
C ASP B 132 2.55 -26.38 12.86
N ASP B 133 2.16 -27.47 13.52
CA ASP B 133 1.06 -27.43 14.47
C ASP B 133 1.49 -26.75 15.76
N GLY B 134 2.80 -26.57 15.92
CA GLY B 134 3.35 -25.93 17.10
C GLY B 134 3.96 -26.87 18.12
N SER B 135 3.94 -28.16 17.83
CA SER B 135 4.46 -29.19 18.75
C SER B 135 5.96 -29.44 18.67
N GLY B 136 6.51 -29.53 17.47
CA GLY B 136 7.93 -29.80 17.33
C GLY B 136 8.21 -31.17 16.74
N GLY B 137 7.15 -31.90 16.41
CA GLY B 137 7.31 -33.23 15.85
C GLY B 137 7.39 -33.17 14.33
N ARG B 138 7.46 -34.34 13.69
CA ARG B 138 7.55 -34.42 12.23
C ARG B 138 6.19 -34.12 11.60
N ARG B 139 6.23 -33.48 10.43
CA ARG B 139 5.02 -33.19 9.69
C ARG B 139 4.45 -34.52 9.24
N ASP B 140 3.14 -34.68 9.36
CA ASP B 140 2.50 -35.92 8.94
C ASP B 140 2.26 -35.84 7.44
N SER B 141 3.08 -36.56 6.68
CA SER B 141 2.99 -36.58 5.22
C SER B 141 3.21 -37.99 4.74
N ASN B 142 2.97 -38.25 3.46
CA ASN B 142 3.19 -39.58 2.94
C ASN B 142 4.66 -39.96 3.13
N LEU B 143 5.56 -38.99 3.03
CA LEU B 143 6.99 -39.26 3.21
C LEU B 143 7.29 -39.69 4.65
N GLN B 144 6.74 -38.97 5.61
CA GLN B 144 6.97 -39.32 7.02
C GLN B 144 6.36 -40.67 7.35
N ARG B 145 5.29 -41.05 6.66
CA ARG B 145 4.65 -42.33 6.92
C ARG B 145 5.43 -43.52 6.38
N THR B 146 6.41 -43.28 5.51
CA THR B 146 7.20 -44.38 4.99
C THR B 146 8.15 -44.85 6.11
N GLY B 147 8.29 -44.01 7.12
CA GLY B 147 9.18 -44.33 8.22
C GLY B 147 9.94 -43.08 8.65
N ASN B 148 10.17 -42.96 9.95
CA ASN B 148 10.86 -41.80 10.50
C ASN B 148 12.26 -41.59 9.95
N ASP B 149 12.83 -42.65 9.39
CA ASP B 149 14.18 -42.58 8.84
C ASP B 149 14.26 -42.05 7.41
N TRP B 150 13.15 -41.56 6.88
CA TRP B 150 13.17 -41.07 5.50
C TRP B 150 14.11 -39.90 5.25
N ILE B 151 14.24 -39.00 6.23
CA ILE B 151 15.11 -37.86 6.03
C ILE B 151 16.56 -38.33 5.98
N GLU B 152 16.93 -39.20 6.90
CA GLU B 152 18.27 -39.75 6.95
C GLU B 152 18.61 -40.42 5.61
N VAL B 153 17.67 -41.20 5.10
CA VAL B 153 17.86 -41.91 3.84
C VAL B 153 18.05 -40.93 2.68
N ALA B 154 17.25 -39.88 2.67
CA ALA B 154 17.34 -38.86 1.63
C ALA B 154 18.76 -38.26 1.61
N PHE B 155 19.28 -37.94 2.79
CA PHE B 155 20.61 -37.35 2.89
C PHE B 155 21.73 -38.31 2.50
N ARG B 156 21.64 -39.55 2.96
CA ARG B 156 22.67 -40.52 2.59
C ARG B 156 22.64 -40.69 1.07
N THR B 157 21.44 -40.78 0.50
CA THR B 157 21.29 -40.91 -0.94
C THR B 157 21.93 -39.74 -1.67
N ALA B 158 21.66 -38.52 -1.18
CA ALA B 158 22.20 -37.31 -1.79
C ALA B 158 23.73 -37.24 -1.75
N ARG B 159 24.33 -37.59 -0.62
CA ARG B 159 25.78 -37.55 -0.48
C ARG B 159 26.45 -38.40 -1.58
N ALA B 160 25.92 -39.60 -1.79
CA ALA B 160 26.47 -40.49 -2.80
C ALA B 160 26.23 -40.00 -4.22
N ALA B 161 25.05 -39.42 -4.48
CA ALA B 161 24.73 -38.92 -5.81
C ALA B 161 25.69 -37.80 -6.27
N ASP B 162 25.99 -36.87 -5.37
CA ASP B 162 26.90 -35.77 -5.69
C ASP B 162 27.66 -35.33 -4.43
N PRO B 163 28.82 -35.94 -4.18
CA PRO B 163 29.65 -35.62 -3.01
C PRO B 163 30.16 -34.17 -2.98
N ALA B 164 30.10 -33.48 -4.11
CA ALA B 164 30.58 -32.10 -4.18
C ALA B 164 29.58 -31.04 -3.71
N ALA B 165 28.33 -31.42 -3.56
CA ALA B 165 27.31 -30.49 -3.13
C ALA B 165 27.13 -30.45 -1.61
N LYS B 166 26.82 -29.27 -1.08
CA LYS B 166 26.56 -29.13 0.34
C LYS B 166 25.11 -29.57 0.48
N LEU B 167 24.85 -30.46 1.44
CA LEU B 167 23.49 -30.98 1.65
C LEU B 167 22.80 -30.23 2.79
N CYS B 168 21.73 -29.52 2.46
CA CYS B 168 21.02 -28.76 3.46
C CYS B 168 19.63 -29.29 3.81
N TYR B 169 19.23 -29.06 5.06
CA TYR B 169 17.89 -29.38 5.49
C TYR B 169 17.28 -27.99 5.50
N ASN B 170 16.16 -27.80 4.81
CA ASN B 170 15.53 -26.49 4.72
C ASN B 170 14.13 -26.49 5.34
N ASP B 171 13.78 -25.42 6.05
CA ASP B 171 12.47 -25.33 6.69
C ASP B 171 12.16 -23.90 7.12
N TYR B 172 10.88 -23.65 7.42
CA TYR B 172 10.44 -22.33 7.88
C TYR B 172 9.94 -22.42 9.32
N ASN B 173 9.74 -21.25 9.94
CA ASN B 173 9.30 -21.20 11.33
C ASN B 173 10.27 -21.93 12.26
N ILE B 174 11.54 -21.92 11.89
CA ILE B 174 12.58 -22.53 12.71
C ILE B 174 13.64 -21.48 13.04
N GLU B 175 13.25 -20.22 12.93
CA GLU B 175 14.15 -19.11 13.20
C GLU B 175 14.07 -18.64 14.67
N ASN B 176 12.87 -18.74 15.26
CA ASN B 176 12.69 -18.34 16.66
C ASN B 176 13.07 -19.52 17.53
N TRP B 177 14.13 -19.36 18.32
CA TRP B 177 14.58 -20.46 19.17
C TRP B 177 13.55 -20.99 20.15
N THR B 178 12.68 -20.13 20.65
CA THR B 178 11.66 -20.56 21.60
C THR B 178 10.59 -21.47 21.01
N TRP B 179 10.49 -21.51 19.69
CA TRP B 179 9.49 -22.34 19.03
C TRP B 179 9.91 -23.80 19.04
N ALA B 180 8.95 -24.67 19.36
CA ALA B 180 9.19 -26.12 19.43
C ALA B 180 9.75 -26.67 18.13
N LYS B 181 9.25 -26.15 17.00
CA LYS B 181 9.70 -26.62 15.69
C LYS B 181 11.20 -26.40 15.50
N THR B 182 11.68 -25.23 15.92
CA THR B 182 13.10 -24.92 15.81
C THR B 182 13.92 -25.99 16.53
N GLN B 183 13.51 -26.28 17.76
CA GLN B 183 14.22 -27.26 18.57
C GLN B 183 14.12 -28.69 18.05
N GLY B 184 13.00 -29.02 17.41
CA GLY B 184 12.86 -30.35 16.86
C GLY B 184 13.88 -30.55 15.75
N VAL B 185 14.07 -29.52 14.93
CA VAL B 185 15.03 -29.60 13.83
C VAL B 185 16.46 -29.66 14.37
N TYR B 186 16.71 -28.93 15.45
CA TYR B 186 18.04 -28.94 16.07
C TYR B 186 18.34 -30.37 16.51
N ASN B 187 17.39 -30.96 17.22
CA ASN B 187 17.57 -32.33 17.70
C ASN B 187 17.86 -33.31 16.57
N MET B 188 17.21 -33.12 15.43
CA MET B 188 17.43 -34.02 14.31
C MET B 188 18.81 -33.82 13.71
N VAL B 189 19.20 -32.57 13.51
CA VAL B 189 20.51 -32.29 12.94
C VAL B 189 21.59 -32.80 13.89
N ARG B 190 21.37 -32.60 15.19
CA ARG B 190 22.35 -33.05 16.18
C ARG B 190 22.51 -34.56 16.09
N ASP B 191 21.39 -35.27 16.07
CA ASP B 191 21.37 -36.72 15.96
C ASP B 191 22.12 -37.15 14.70
N PHE B 192 21.87 -36.47 13.60
CA PHE B 192 22.53 -36.79 12.33
C PHE B 192 24.04 -36.71 12.47
N LYS B 193 24.54 -35.58 12.96
CA LYS B 193 25.97 -35.40 13.13
C LYS B 193 26.58 -36.45 14.06
N GLN B 194 25.86 -36.80 15.11
CA GLN B 194 26.38 -37.77 16.06
C GLN B 194 26.45 -39.19 15.51
N ARG B 195 25.54 -39.54 14.61
CA ARG B 195 25.54 -40.89 14.03
C ARG B 195 26.20 -40.96 12.66
N GLY B 196 26.68 -39.82 12.17
CA GLY B 196 27.35 -39.81 10.88
C GLY B 196 26.46 -39.68 9.65
N VAL B 197 25.24 -39.18 9.84
CA VAL B 197 24.35 -38.97 8.69
C VAL B 197 24.90 -37.76 7.97
N PRO B 198 25.05 -37.85 6.63
CA PRO B 198 25.59 -36.72 5.85
C PRO B 198 24.69 -35.48 5.78
N ILE B 199 25.13 -34.40 6.40
CA ILE B 199 24.39 -33.15 6.37
C ILE B 199 25.40 -32.03 6.60
N ASP B 200 25.44 -31.07 5.68
CA ASP B 200 26.40 -29.97 5.76
C ASP B 200 25.80 -28.63 6.12
N CYS B 201 24.48 -28.49 5.99
CA CYS B 201 23.86 -27.20 6.25
C CYS B 201 22.40 -27.24 6.62
N VAL B 202 21.96 -26.16 7.25
CA VAL B 202 20.58 -25.99 7.63
C VAL B 202 20.12 -24.67 6.99
N GLY B 203 19.06 -24.76 6.20
CA GLY B 203 18.55 -23.56 5.55
C GLY B 203 17.37 -23.03 6.35
N PHE B 204 17.44 -21.74 6.70
CA PHE B 204 16.37 -21.10 7.43
C PHE B 204 15.63 -20.22 6.42
N GLN B 205 14.46 -20.70 6.00
CA GLN B 205 13.66 -20.00 5.01
C GLN B 205 13.50 -18.52 5.33
N SER B 206 13.21 -18.23 6.59
CA SER B 206 13.08 -16.85 7.02
C SER B 206 11.92 -16.08 6.39
N HIS B 207 10.73 -16.69 6.41
CA HIS B 207 9.55 -16.03 5.88
C HIS B 207 8.93 -15.33 7.09
N PHE B 208 9.40 -14.12 7.36
CA PHE B 208 8.93 -13.34 8.49
C PHE B 208 7.67 -12.51 8.22
N ASN B 209 6.72 -12.58 9.14
CA ASN B 209 5.47 -11.82 9.05
C ASN B 209 4.89 -11.68 10.46
N SER B 210 3.80 -10.93 10.61
CA SER B 210 3.23 -10.73 11.94
C SER B 210 2.77 -12.02 12.62
N GLY B 211 2.64 -13.09 11.83
CA GLY B 211 2.24 -14.38 12.40
C GLY B 211 3.47 -15.09 12.95
N SER B 212 4.59 -14.95 12.25
CA SER B 212 5.85 -15.55 12.67
C SER B 212 6.87 -14.42 12.51
N PRO B 213 6.85 -13.47 13.45
CA PRO B 213 7.75 -12.32 13.45
C PRO B 213 9.22 -12.62 13.71
N TYR B 214 10.08 -11.85 13.06
CA TYR B 214 11.51 -12.01 13.28
C TYR B 214 11.74 -11.68 14.74
N ASN B 215 12.69 -12.37 15.37
CA ASN B 215 13.02 -12.11 16.76
C ASN B 215 14.54 -12.09 16.89
N SER B 216 15.06 -11.21 17.74
CA SER B 216 16.49 -11.10 17.94
C SER B 216 17.17 -12.42 18.31
N ASN B 217 16.43 -13.36 18.90
CA ASN B 217 17.06 -14.64 19.27
C ASN B 217 17.39 -15.48 18.03
N PHE B 218 17.11 -14.95 16.84
CA PHE B 218 17.42 -15.65 15.60
C PHE B 218 18.93 -15.89 15.58
N ARG B 219 19.68 -14.96 16.16
CA ARG B 219 21.13 -15.07 16.18
C ARG B 219 21.59 -16.25 17.02
N THR B 220 20.90 -16.52 18.13
CA THR B 220 21.28 -17.66 18.97
C THR B 220 20.94 -18.93 18.19
N THR B 221 19.79 -18.93 17.53
CA THR B 221 19.38 -20.09 16.75
C THR B 221 20.48 -20.44 15.73
N LEU B 222 20.96 -19.44 14.99
CA LEU B 222 22.00 -19.67 14.00
C LEU B 222 23.28 -20.18 14.67
N GLN B 223 23.65 -19.57 15.79
CA GLN B 223 24.85 -19.99 16.53
C GLN B 223 24.66 -21.43 17.01
N ASN B 224 23.51 -21.72 17.59
CA ASN B 224 23.25 -23.07 18.09
C ASN B 224 23.48 -24.10 16.99
N PHE B 225 22.87 -23.88 15.83
CA PHE B 225 23.05 -24.81 14.73
C PHE B 225 24.49 -24.84 14.23
N ALA B 226 25.09 -23.66 14.07
CA ALA B 226 26.47 -23.58 13.61
C ALA B 226 27.39 -24.45 14.49
N ALA B 227 27.10 -24.46 15.79
CA ALA B 227 27.88 -25.24 16.76
C ALA B 227 27.77 -26.74 16.55
N LEU B 228 26.79 -27.18 15.79
CA LEU B 228 26.62 -28.61 15.53
C LEU B 228 27.62 -29.04 14.45
N GLY B 229 28.31 -28.07 13.87
CA GLY B 229 29.28 -28.39 12.83
C GLY B 229 28.66 -28.40 11.45
N VAL B 230 27.68 -27.53 11.24
CA VAL B 230 27.03 -27.42 9.95
C VAL B 230 26.95 -25.95 9.60
N ASP B 231 26.91 -25.65 8.31
CA ASP B 231 26.80 -24.27 7.88
C ASP B 231 25.33 -23.90 7.97
N VAL B 232 25.04 -22.60 7.98
CA VAL B 232 23.67 -22.15 8.03
C VAL B 232 23.48 -21.12 6.92
N ALA B 233 22.27 -21.02 6.40
CA ALA B 233 21.99 -20.08 5.33
C ALA B 233 20.56 -19.58 5.41
N ILE B 234 20.36 -18.30 5.12
CA ILE B 234 19.02 -17.71 5.08
C ILE B 234 18.66 -17.99 3.63
N THR B 235 17.69 -18.88 3.43
CA THR B 235 17.32 -19.33 2.10
C THR B 235 16.15 -18.72 1.31
N GLU B 236 15.13 -18.25 2.00
CA GLU B 236 13.97 -17.69 1.31
C GLU B 236 13.46 -16.46 2.03
N LEU B 237 14.39 -15.55 2.32
CA LEU B 237 14.08 -14.35 3.05
C LEU B 237 13.12 -13.36 2.40
N ASP B 238 12.10 -13.00 3.18
CA ASP B 238 11.14 -11.97 2.81
C ASP B 238 10.47 -11.57 4.13
N ILE B 239 10.23 -10.28 4.27
CA ILE B 239 9.65 -9.73 5.48
C ILE B 239 8.40 -8.94 5.16
N GLN B 240 7.28 -9.39 5.72
CA GLN B 240 6.01 -8.71 5.50
C GLN B 240 6.15 -7.25 5.91
N GLY B 241 5.94 -6.35 4.96
CA GLY B 241 6.09 -4.94 5.25
C GLY B 241 7.48 -4.45 4.90
N ALA B 242 8.40 -5.39 4.75
CA ALA B 242 9.78 -5.07 4.39
C ALA B 242 10.41 -4.03 5.29
N SER B 243 10.19 -4.17 6.60
CA SER B 243 10.78 -3.24 7.55
C SER B 243 12.28 -3.11 7.28
N SER B 244 12.78 -1.89 7.18
CA SER B 244 14.19 -1.70 6.92
C SER B 244 15.03 -2.17 8.12
N SER B 245 14.50 -1.99 9.34
CA SER B 245 15.20 -2.41 10.55
C SER B 245 15.30 -3.92 10.63
N THR B 246 14.21 -4.61 10.33
CA THR B 246 14.16 -6.06 10.37
C THR B 246 15.10 -6.63 9.32
N TYR B 247 15.08 -6.04 8.12
CA TYR B 247 15.95 -6.52 7.06
C TYR B 247 17.42 -6.37 7.46
N ALA B 248 17.77 -5.25 8.08
CA ALA B 248 19.15 -5.02 8.52
C ALA B 248 19.49 -5.98 9.67
N ALA B 249 18.52 -6.19 10.57
CA ALA B 249 18.71 -7.09 11.71
C ALA B 249 19.04 -8.50 11.26
N VAL B 250 18.27 -8.99 10.29
CA VAL B 250 18.48 -10.34 9.76
C VAL B 250 19.86 -10.40 9.10
N THR B 251 20.19 -9.36 8.35
CA THR B 251 21.48 -9.30 7.67
C THR B 251 22.61 -9.37 8.69
N ASN B 252 22.50 -8.57 9.75
CA ASN B 252 23.53 -8.56 10.79
C ASN B 252 23.60 -9.87 11.55
N ASP B 253 22.49 -10.58 11.69
CA ASP B 253 22.53 -11.86 12.38
C ASP B 253 23.43 -12.81 11.61
N CYS B 254 23.26 -12.85 10.29
CA CYS B 254 24.06 -13.72 9.45
C CYS B 254 25.53 -13.33 9.46
N LEU B 255 25.81 -12.02 9.44
CA LEU B 255 27.19 -11.53 9.45
C LEU B 255 27.87 -11.78 10.80
N ALA B 256 27.05 -12.03 11.82
CA ALA B 256 27.57 -12.29 13.16
C ALA B 256 27.97 -13.75 13.35
N VAL B 257 27.47 -14.62 12.48
CA VAL B 257 27.76 -16.04 12.59
C VAL B 257 28.67 -16.45 11.42
N SER B 258 29.92 -16.78 11.72
CA SER B 258 30.87 -17.13 10.68
C SER B 258 30.43 -18.26 9.76
N ARG B 259 29.55 -19.12 10.25
CA ARG B 259 29.06 -20.24 9.46
C ARG B 259 27.89 -19.86 8.55
N CYS B 260 27.38 -18.65 8.70
CA CYS B 260 26.27 -18.24 7.85
C CYS B 260 26.84 -17.93 6.47
N LEU B 261 26.58 -18.82 5.54
CA LEU B 261 27.09 -18.72 4.18
C LEU B 261 26.57 -17.55 3.36
N GLY B 262 25.31 -17.21 3.56
CA GLY B 262 24.75 -16.12 2.80
C GLY B 262 23.25 -15.96 2.96
N ILE B 263 22.73 -14.98 2.23
CA ILE B 263 21.32 -14.64 2.27
C ILE B 263 20.66 -14.62 0.90
N THR B 264 19.55 -15.33 0.78
CA THR B 264 18.79 -15.34 -0.46
C THR B 264 17.41 -14.79 -0.13
N VAL B 265 17.01 -13.72 -0.81
CA VAL B 265 15.67 -13.18 -0.61
C VAL B 265 14.83 -13.92 -1.63
N TRP B 266 13.61 -14.29 -1.24
CA TRP B 266 12.73 -15.06 -2.12
C TRP B 266 12.04 -14.24 -3.21
N GLY B 267 12.82 -13.74 -4.16
CA GLY B 267 12.26 -12.95 -5.24
C GLY B 267 13.03 -11.66 -5.51
N VAL B 268 12.76 -11.06 -6.67
CA VAL B 268 13.42 -9.82 -7.08
C VAL B 268 12.57 -8.60 -6.70
N ARG B 269 11.43 -8.45 -7.37
CA ARG B 269 10.52 -7.32 -7.10
C ARG B 269 9.30 -7.82 -6.34
N ASP B 270 8.68 -6.93 -5.56
CA ASP B 270 7.50 -7.30 -4.80
C ASP B 270 6.48 -7.94 -5.72
N THR B 271 6.36 -7.42 -6.93
CA THR B 271 5.41 -7.95 -7.89
C THR B 271 5.74 -9.38 -8.30
N ASP B 272 6.98 -9.81 -8.10
CA ASP B 272 7.39 -11.17 -8.44
C ASP B 272 7.22 -12.11 -7.24
N SER B 273 6.89 -11.55 -6.09
CA SER B 273 6.74 -12.33 -4.85
C SER B 273 5.54 -13.25 -4.80
N TRP B 274 5.73 -14.41 -4.18
CA TRP B 274 4.66 -15.38 -4.01
C TRP B 274 3.64 -14.80 -3.04
N ARG B 275 4.05 -13.73 -2.34
CA ARG B 275 3.20 -13.03 -1.38
C ARG B 275 3.34 -11.52 -1.62
N SER B 276 3.05 -11.11 -2.85
CA SER B 276 3.17 -9.71 -3.23
C SER B 276 2.34 -8.80 -2.34
N GLY B 277 1.25 -9.34 -1.80
CA GLY B 277 0.39 -8.55 -0.92
C GLY B 277 1.15 -8.05 0.30
N ASP B 278 2.17 -8.78 0.71
CA ASP B 278 2.96 -8.36 1.86
C ASP B 278 4.15 -7.46 1.48
N THR B 279 4.25 -7.09 0.19
CA THR B 279 5.36 -6.26 -0.33
C THR B 279 6.58 -6.53 0.54
N PRO B 280 7.03 -7.79 0.58
CA PRO B 280 8.16 -8.22 1.39
C PRO B 280 9.57 -8.28 0.80
N LEU B 281 9.78 -7.76 -0.40
CA LEU B 281 11.11 -7.82 -0.99
C LEU B 281 11.87 -6.49 -0.98
N LEU B 282 13.01 -6.45 -1.66
CA LEU B 282 13.87 -5.27 -1.69
C LEU B 282 13.66 -4.28 -2.85
N PHE B 283 12.94 -4.69 -3.89
CA PHE B 283 12.66 -3.81 -5.02
C PHE B 283 11.16 -3.80 -5.24
N ASN B 284 10.61 -2.65 -5.63
CA ASN B 284 9.17 -2.59 -5.89
C ASN B 284 8.90 -2.91 -7.36
N GLY B 285 7.63 -2.91 -7.74
CA GLY B 285 7.25 -3.21 -9.11
C GLY B 285 7.98 -2.41 -10.17
N ASP B 286 8.23 -1.14 -9.87
CA ASP B 286 8.94 -0.24 -10.79
C ASP B 286 10.38 -0.67 -11.01
N GLY B 287 10.87 -1.55 -10.16
CA GLY B 287 12.25 -1.97 -10.27
C GLY B 287 13.13 -1.04 -9.45
N SER B 288 12.51 -0.11 -8.74
CA SER B 288 13.27 0.82 -7.92
C SER B 288 13.59 0.24 -6.54
N LYS B 289 14.74 0.63 -6.02
CA LYS B 289 15.19 0.15 -4.71
C LYS B 289 14.30 0.71 -3.61
N LYS B 290 13.89 -0.18 -2.71
CA LYS B 290 13.04 0.20 -1.58
C LYS B 290 13.91 0.63 -0.40
N ALA B 291 13.29 1.20 0.62
CA ALA B 291 14.02 1.64 1.80
C ALA B 291 14.83 0.50 2.40
N ALA B 292 14.25 -0.71 2.37
CA ALA B 292 14.93 -1.87 2.92
C ALA B 292 16.20 -2.24 2.16
N TYR B 293 16.20 -2.00 0.85
CA TYR B 293 17.37 -2.32 0.05
C TYR B 293 18.59 -1.58 0.59
N THR B 294 18.46 -0.27 0.77
CA THR B 294 19.55 0.53 1.29
C THR B 294 20.01 0.06 2.67
N ALA B 295 19.05 -0.36 3.50
CA ALA B 295 19.36 -0.83 4.83
C ALA B 295 20.17 -2.12 4.79
N VAL B 296 19.79 -3.03 3.89
CA VAL B 296 20.51 -4.30 3.74
C VAL B 296 21.91 -4.00 3.23
N LEU B 297 21.98 -3.20 2.17
CA LEU B 297 23.28 -2.85 1.60
C LEU B 297 24.19 -2.21 2.66
N ASN B 298 23.68 -1.24 3.39
CA ASN B 298 24.48 -0.57 4.42
C ASN B 298 24.96 -1.57 5.47
N ALA B 299 24.10 -2.52 5.81
CA ALA B 299 24.45 -3.53 6.81
C ALA B 299 25.58 -4.40 6.27
N LEU B 300 25.44 -4.85 5.02
CA LEU B 300 26.46 -5.69 4.40
C LEU B 300 27.80 -4.96 4.38
N ASN B 301 27.75 -3.66 4.11
CA ASN B 301 28.96 -2.84 4.07
C ASN B 301 29.52 -2.49 5.45
N GLY B 302 28.97 -3.11 6.49
CA GLY B 302 29.44 -2.88 7.84
C GLY B 302 28.62 -1.91 8.67
N GLY B 303 27.70 -1.22 8.01
CA GLY B 303 26.87 -0.26 8.71
C GLY B 303 27.60 1.06 8.86
N SER B 304 27.10 1.92 9.74
CA SER B 304 27.71 3.21 9.98
C SER B 304 28.17 3.34 11.41
N SER B 305 29.22 4.12 11.63
CA SER B 305 29.75 4.34 12.97
C SER B 305 28.97 5.46 13.66
N THR B 306 27.78 5.73 13.13
CA THR B 306 26.90 6.76 13.66
C THR B 306 25.50 6.21 13.94
N PRO B 307 25.26 5.73 15.17
CA PRO B 307 23.97 5.16 15.58
C PRO B 307 22.77 6.04 15.23
N PRO B 308 21.96 5.61 14.26
CA PRO B 308 20.77 6.36 13.83
C PRO B 308 19.85 6.73 14.98
N PRO B 309 19.36 7.98 15.00
CA PRO B 309 18.47 8.49 16.04
C PRO B 309 17.29 7.55 16.35
N SER B 310 16.93 7.47 17.63
CA SER B 310 15.85 6.62 18.08
C SER B 310 14.62 7.46 18.37
N GLY B 311 13.72 7.57 17.40
CA GLY B 311 12.52 8.35 17.57
C GLY B 311 12.77 9.84 17.43
N GLY B 312 12.06 10.48 16.52
CA GLY B 312 12.25 11.91 16.31
C GLY B 312 13.67 12.27 15.94
N GLY B 313 13.93 13.54 15.71
CA GLY B 313 15.27 13.98 15.36
C GLY B 313 15.29 14.91 14.17
N GLN B 314 16.20 15.89 14.20
CA GLN B 314 16.33 16.85 13.14
C GLN B 314 17.19 16.32 12.01
N ILE B 315 17.08 16.95 10.84
CA ILE B 315 17.87 16.56 9.67
C ILE B 315 18.62 17.78 9.17
N LYS B 316 19.88 17.88 9.56
CA LYS B 316 20.72 19.02 9.19
C LYS B 316 21.44 18.83 7.86
N GLY B 317 21.39 19.86 7.02
CA GLY B 317 22.08 19.79 5.75
C GLY B 317 23.50 20.24 5.99
N VAL B 318 24.46 19.45 5.54
CA VAL B 318 25.86 19.78 5.76
C VAL B 318 26.25 21.11 5.10
N GLY B 319 25.68 21.37 3.93
CA GLY B 319 26.00 22.60 3.21
C GLY B 319 25.47 23.89 3.80
N SER B 320 24.46 23.82 4.67
CA SER B 320 23.89 25.03 5.25
C SER B 320 23.91 25.02 6.77
N GLY B 321 24.08 23.85 7.36
CA GLY B 321 24.08 23.74 8.81
C GLY B 321 22.67 23.84 9.36
N ARG B 322 21.76 24.36 8.53
CA ARG B 322 20.37 24.51 8.93
C ARG B 322 19.61 23.19 8.84
N CYS B 323 18.44 23.14 9.46
CA CYS B 323 17.62 21.93 9.50
C CYS B 323 16.41 21.91 8.58
N LEU B 324 15.99 20.70 8.23
CA LEU B 324 14.82 20.51 7.38
C LEU B 324 13.69 21.07 8.23
N ASP B 325 13.01 22.08 7.73
CA ASP B 325 11.95 22.73 8.49
C ASP B 325 10.65 22.92 7.71
N VAL B 326 9.53 22.72 8.40
CA VAL B 326 8.22 22.90 7.81
C VAL B 326 7.81 24.33 8.14
N PRO B 327 7.78 25.22 7.12
CA PRO B 327 7.42 26.63 7.29
C PRO B 327 6.35 26.91 8.34
N ASN B 328 6.75 27.65 9.38
CA ASN B 328 5.87 28.03 10.48
C ASN B 328 5.11 26.87 11.09
N ALA B 329 5.78 25.74 11.25
CA ALA B 329 5.17 24.55 11.82
C ALA B 329 3.78 24.30 11.24
N SER B 330 3.64 24.56 9.94
CA SER B 330 2.37 24.36 9.26
C SER B 330 2.03 22.89 9.19
N THR B 331 0.72 22.59 9.15
CA THR B 331 0.22 21.24 9.08
C THR B 331 -0.65 21.13 7.84
N THR B 332 -0.47 22.09 6.93
CA THR B 332 -1.24 22.11 5.69
C THR B 332 -0.57 21.26 4.61
N ASP B 333 -1.30 20.29 4.09
CA ASP B 333 -0.79 19.43 3.03
C ASP B 333 -0.40 20.30 1.84
N GLY B 334 0.73 20.01 1.23
CA GLY B 334 1.16 20.78 0.08
C GLY B 334 2.17 21.85 0.46
N THR B 335 2.48 21.96 1.74
CA THR B 335 3.45 22.96 2.19
C THR B 335 4.85 22.49 1.87
N GLN B 336 5.54 23.23 1.02
CA GLN B 336 6.91 22.87 0.66
C GLN B 336 7.81 23.14 1.84
N VAL B 337 8.71 22.19 2.13
CA VAL B 337 9.64 22.32 3.26
C VAL B 337 10.82 23.20 2.90
N GLN B 338 11.51 23.69 3.94
CA GLN B 338 12.65 24.58 3.74
C GLN B 338 13.76 24.33 4.75
N LEU B 339 14.87 25.04 4.55
CA LEU B 339 16.03 24.96 5.44
C LEU B 339 15.94 26.10 6.42
N TYR B 340 15.88 25.78 7.71
CA TYR B 340 15.80 26.82 8.72
C TYR B 340 16.68 26.49 9.92
N ASP B 341 17.18 27.52 10.59
CA ASP B 341 18.03 27.36 11.75
C ASP B 341 17.44 26.33 12.71
N CYS B 342 18.23 25.31 13.01
CA CYS B 342 17.81 24.23 13.89
C CYS B 342 17.43 24.73 15.28
N HIS B 343 16.36 24.17 15.83
CA HIS B 343 15.91 24.54 17.17
C HIS B 343 14.78 23.63 17.61
N SER B 344 14.72 23.37 18.92
CA SER B 344 13.69 22.49 19.47
C SER B 344 12.33 22.93 18.96
N ALA B 345 11.74 22.11 18.09
CA ALA B 345 10.44 22.40 17.52
C ALA B 345 9.91 21.17 16.81
N THR B 346 8.59 20.99 16.85
CA THR B 346 7.96 19.84 16.22
C THR B 346 8.12 19.85 14.70
N ASN B 347 8.11 21.04 14.11
CA ASN B 347 8.23 21.19 12.67
C ASN B 347 9.65 20.92 12.16
N GLN B 348 10.49 20.36 13.03
CA GLN B 348 11.86 20.02 12.67
C GLN B 348 12.21 18.63 13.16
N GLN B 349 11.24 17.99 13.82
CA GLN B 349 11.40 16.64 14.34
C GLN B 349 10.93 15.62 13.31
N TRP B 350 11.87 14.97 12.64
CA TRP B 350 11.52 13.98 11.64
C TRP B 350 11.88 12.56 12.09
N THR B 351 10.93 11.65 11.93
CA THR B 351 11.13 10.25 12.29
C THR B 351 11.19 9.40 11.04
N TYR B 352 12.32 8.73 10.83
CA TYR B 352 12.48 7.86 9.68
C TYR B 352 11.89 6.51 10.09
N THR B 353 10.80 6.12 9.43
CA THR B 353 10.12 4.87 9.77
C THR B 353 10.72 3.67 9.07
N ASP B 354 10.39 2.48 9.54
CA ASP B 354 10.90 1.27 8.94
C ASP B 354 10.39 1.08 7.51
N ALA B 355 9.30 1.77 7.18
CA ALA B 355 8.71 1.70 5.85
C ALA B 355 9.38 2.71 4.91
N GLY B 356 10.31 3.49 5.44
CA GLY B 356 11.02 4.46 4.60
C GLY B 356 10.44 5.85 4.55
N GLU B 357 9.49 6.15 5.44
CA GLU B 357 8.88 7.47 5.48
C GLU B 357 9.65 8.40 6.42
N LEU B 358 9.49 9.70 6.17
CA LEU B 358 10.10 10.73 7.00
C LEU B 358 8.90 11.48 7.53
N ARG B 359 8.44 11.07 8.71
CA ARG B 359 7.26 11.64 9.35
C ARG B 359 7.51 12.82 10.28
N VAL B 360 6.52 13.71 10.32
CA VAL B 360 6.57 14.89 11.16
C VAL B 360 5.18 15.07 11.77
N TYR B 361 5.13 15.63 12.98
CA TYR B 361 3.87 15.85 13.68
C TYR B 361 3.21 14.52 14.00
N GLY B 362 3.85 13.43 13.60
CA GLY B 362 3.30 12.13 13.89
C GLY B 362 2.53 11.47 12.76
N ASP B 363 1.90 12.26 11.89
CA ASP B 363 1.14 11.68 10.79
C ASP B 363 1.25 12.44 9.46
N LYS B 364 2.27 13.28 9.33
CA LYS B 364 2.48 14.00 8.08
C LYS B 364 3.77 13.44 7.49
N CYS B 365 3.79 13.27 6.17
CA CYS B 365 4.94 12.70 5.50
C CYS B 365 5.65 13.55 4.47
N LEU B 366 6.98 13.47 4.47
CA LEU B 366 7.78 14.19 3.47
C LEU B 366 7.23 13.58 2.18
N ASP B 367 6.72 14.43 1.31
CA ASP B 367 6.08 13.99 0.07
C ASP B 367 6.60 14.68 -1.17
N ALA B 368 6.82 13.92 -2.24
CA ALA B 368 7.30 14.48 -3.49
C ALA B 368 6.15 14.58 -4.48
N ALA B 369 5.86 15.80 -4.92
CA ALA B 369 4.78 16.06 -5.86
C ALA B 369 5.28 15.93 -7.28
N GLY B 370 5.94 14.81 -7.59
CA GLY B 370 6.46 14.59 -8.92
C GLY B 370 7.72 13.75 -8.88
N THR B 371 8.24 13.40 -10.06
CA THR B 371 9.45 12.59 -10.15
C THR B 371 10.62 13.26 -10.87
N GLY B 372 10.38 14.41 -11.48
CA GLY B 372 11.45 15.09 -12.20
C GLY B 372 12.20 16.15 -11.42
N ASN B 373 13.28 16.65 -12.01
CA ASN B 373 14.08 17.69 -11.37
C ASN B 373 13.21 18.89 -11.06
N GLY B 374 13.46 19.52 -9.92
CA GLY B 374 12.69 20.68 -9.53
C GLY B 374 11.42 20.33 -8.80
N THR B 375 11.08 19.04 -8.76
CA THR B 375 9.87 18.60 -8.08
C THR B 375 9.83 19.16 -6.67
N LYS B 376 8.67 19.73 -6.32
CA LYS B 376 8.45 20.31 -5.02
C LYS B 376 8.39 19.24 -3.93
N VAL B 377 9.23 19.38 -2.91
CA VAL B 377 9.24 18.44 -1.80
C VAL B 377 8.39 19.09 -0.72
N GLN B 378 7.32 18.40 -0.32
CA GLN B 378 6.37 18.94 0.64
C GLN B 378 5.99 17.97 1.74
N ILE B 379 4.96 18.35 2.49
CA ILE B 379 4.41 17.51 3.54
C ILE B 379 3.03 17.13 3.03
N TYR B 380 2.61 15.90 3.28
CA TYR B 380 1.32 15.43 2.83
C TYR B 380 0.92 14.31 3.78
N SER B 381 -0.39 14.09 3.91
CA SER B 381 -0.88 13.03 4.79
C SER B 381 -0.22 11.70 4.42
N CYS B 382 0.34 11.02 5.41
CA CYS B 382 1.00 9.74 5.17
C CYS B 382 0.06 8.65 4.66
N TRP B 383 0.40 8.04 3.53
CA TRP B 383 -0.43 6.97 3.00
C TRP B 383 0.40 5.81 2.44
N GLY B 384 1.72 5.96 2.49
CA GLY B 384 2.60 4.89 2.03
C GLY B 384 3.02 4.91 0.57
N GLY B 385 2.72 6.00 -0.15
CA GLY B 385 3.11 6.07 -1.55
C GLY B 385 4.62 6.08 -1.72
N ASP B 386 5.10 5.57 -2.85
CA ASP B 386 6.54 5.55 -3.07
C ASP B 386 7.13 6.95 -3.16
N ASN B 387 6.26 7.93 -3.39
CA ASN B 387 6.69 9.32 -3.47
C ASN B 387 6.82 9.84 -2.04
N GLN B 388 6.57 8.96 -1.07
CA GLN B 388 6.67 9.30 0.35
C GLN B 388 7.72 8.41 1.01
N LYS B 389 8.34 7.54 0.24
CA LYS B 389 9.37 6.64 0.76
C LYS B 389 10.74 7.22 0.39
N TRP B 390 11.70 7.11 1.31
CA TRP B 390 13.03 7.63 1.07
C TRP B 390 14.14 6.67 1.49
N ARG B 391 15.26 6.73 0.77
CA ARG B 391 16.42 5.89 1.06
C ARG B 391 17.53 6.77 1.62
N LEU B 392 18.06 6.40 2.78
CA LEU B 392 19.13 7.15 3.41
C LEU B 392 20.49 6.54 3.07
N ASN B 393 21.14 7.08 2.05
CA ASN B 393 22.44 6.58 1.63
C ASN B 393 23.50 6.91 2.67
N SER B 394 24.53 6.07 2.75
CA SER B 394 25.61 6.28 3.70
C SER B 394 26.39 7.56 3.41
N ASP B 395 26.34 8.03 2.17
CA ASP B 395 27.04 9.24 1.78
C ASP B 395 26.28 10.49 2.23
N GLY B 396 25.24 10.29 3.02
CA GLY B 396 24.46 11.41 3.52
C GLY B 396 23.31 11.87 2.64
N SER B 397 23.22 11.37 1.41
CA SER B 397 22.14 11.77 0.52
C SER B 397 20.85 11.03 0.86
N ILE B 398 19.72 11.67 0.57
CA ILE B 398 18.40 11.11 0.82
C ILE B 398 17.70 11.00 -0.53
N VAL B 399 17.54 9.78 -1.01
CA VAL B 399 16.93 9.54 -2.31
C VAL B 399 15.47 9.09 -2.24
N GLY B 400 14.65 9.68 -3.12
CA GLY B 400 13.25 9.33 -3.18
C GLY B 400 13.09 8.01 -3.90
N VAL B 401 12.40 7.07 -3.26
CA VAL B 401 12.20 5.75 -3.84
C VAL B 401 11.56 5.80 -5.23
N GLN B 402 10.45 6.51 -5.36
CA GLN B 402 9.78 6.59 -6.64
C GLN B 402 10.55 7.31 -7.74
N SER B 403 11.18 8.43 -7.40
CA SER B 403 11.91 9.22 -8.39
C SER B 403 13.39 8.90 -8.58
N GLY B 404 14.01 8.34 -7.55
CA GLY B 404 15.43 8.05 -7.66
C GLY B 404 16.20 9.36 -7.62
N LEU B 405 15.54 10.42 -7.15
CA LEU B 405 16.16 11.73 -7.05
C LEU B 405 16.48 12.09 -5.60
N CYS B 406 17.45 12.97 -5.43
CA CYS B 406 17.91 13.39 -4.10
C CYS B 406 17.26 14.67 -3.57
N LEU B 407 17.09 14.73 -2.25
CA LEU B 407 16.54 15.93 -1.62
C LEU B 407 17.58 17.01 -1.90
N ASP B 408 17.15 18.06 -2.59
CA ASP B 408 18.05 19.13 -2.98
C ASP B 408 17.62 20.52 -2.54
N ALA B 409 18.54 21.27 -1.96
CA ALA B 409 18.26 22.63 -1.52
C ALA B 409 18.28 23.51 -2.76
N VAL B 410 17.13 24.08 -3.09
CA VAL B 410 16.99 24.93 -4.28
C VAL B 410 18.14 25.89 -4.53
N GLY B 411 18.66 25.85 -5.75
CA GLY B 411 19.77 26.72 -6.13
C GLY B 411 20.95 26.66 -5.19
N GLY B 412 21.08 25.57 -4.46
CA GLY B 412 22.18 25.44 -3.52
C GLY B 412 22.06 26.42 -2.37
N GLY B 413 20.94 27.13 -2.31
CA GLY B 413 20.72 28.08 -1.23
C GLY B 413 20.97 27.44 0.13
N THR B 414 21.53 28.22 1.05
CA THR B 414 21.83 27.71 2.39
C THR B 414 21.20 28.58 3.47
N ALA B 415 20.63 29.70 3.07
CA ALA B 415 20.00 30.62 4.01
C ALA B 415 18.62 30.13 4.44
N ASN B 416 18.12 30.68 5.54
CA ASN B 416 16.81 30.31 6.05
C ASN B 416 15.77 30.59 4.97
N GLY B 417 14.80 29.70 4.84
CA GLY B 417 13.76 29.90 3.85
C GLY B 417 14.05 29.23 2.52
N THR B 418 15.26 28.67 2.36
CA THR B 418 15.61 27.99 1.12
C THR B 418 14.72 26.76 1.01
N LEU B 419 13.96 26.67 -0.08
CA LEU B 419 13.06 25.55 -0.32
C LEU B 419 13.78 24.27 -0.69
N ILE B 420 13.13 23.13 -0.42
CA ILE B 420 13.71 21.83 -0.74
C ILE B 420 12.99 21.22 -1.94
N GLN B 421 13.77 20.69 -2.87
CA GLN B 421 13.24 20.07 -4.09
C GLN B 421 13.93 18.75 -4.36
N LEU B 422 13.53 18.08 -5.44
CA LEU B 422 14.16 16.82 -5.85
C LEU B 422 15.08 17.20 -6.99
N TYR B 423 16.17 16.47 -7.16
CA TYR B 423 17.10 16.75 -8.24
C TYR B 423 18.13 15.63 -8.35
N SER B 424 18.55 15.34 -9.57
CA SER B 424 19.55 14.29 -9.78
C SER B 424 20.62 14.39 -8.71
N CYS B 425 20.96 13.28 -8.11
CA CYS B 425 21.98 13.26 -7.07
C CYS B 425 23.31 13.70 -7.66
N SER B 426 24.01 14.56 -6.92
CA SER B 426 25.29 15.09 -7.37
C SER B 426 26.42 14.93 -6.36
N ASN B 427 26.07 14.51 -5.15
CA ASN B 427 27.04 14.34 -4.07
C ASN B 427 27.33 15.71 -3.48
N GLY B 428 26.67 16.72 -4.01
CA GLY B 428 26.86 18.08 -3.52
C GLY B 428 26.54 18.18 -2.04
N SER B 429 26.99 19.26 -1.42
CA SER B 429 26.76 19.47 0.01
C SER B 429 25.33 19.94 0.29
N ASN B 430 24.63 20.35 -0.77
CA ASN B 430 23.26 20.81 -0.62
C ASN B 430 22.30 19.62 -0.76
N GLN B 431 22.88 18.42 -0.82
CA GLN B 431 22.11 17.19 -0.93
C GLN B 431 22.53 16.19 0.13
N ARG B 432 23.49 16.57 0.96
CA ARG B 432 23.95 15.69 2.02
C ARG B 432 23.33 16.14 3.33
N TRP B 433 22.94 15.19 4.17
CA TRP B 433 22.30 15.52 5.43
C TRP B 433 22.82 14.66 6.58
N THR B 434 22.45 15.04 7.80
CA THR B 434 22.86 14.30 8.99
C THR B 434 21.76 14.29 10.03
N ARG B 435 21.63 13.17 10.74
CA ARG B 435 20.59 13.03 11.75
C ARG B 435 21.10 13.44 13.13
N THR B 436 20.28 14.17 13.88
CA THR B 436 20.63 14.63 15.21
C THR B 436 19.38 14.81 16.07
O1 XYP C . 2.99 -0.13 34.55
C1 XYP C . 2.46 -1.31 34.06
C2 XYP C . 2.76 -1.42 32.56
C3 XYP C . 2.22 -2.74 32.04
C4 XYP C . 2.90 -3.87 32.81
C5 XYP C . 2.60 -3.69 34.30
O2 XYP C . 2.11 -0.34 31.87
O3 XYP C . 2.53 -2.87 30.66
O4 XYP C . 2.41 -5.11 32.37
O5 XYP C . 3.08 -2.40 34.76
O1 XYP D . -18.48 -13.52 24.02
C1 XYP D . -17.19 -13.88 23.62
C2 XYP D . -16.17 -13.00 24.34
C3 XYP D . -14.77 -13.45 23.94
C4 XYP D . -14.60 -14.89 24.34
C5 XYP D . -15.66 -15.74 23.63
O2 XYP D . -16.36 -11.65 23.94
O3 XYP D . -13.81 -12.66 24.63
O4 XYP D . -13.32 -15.34 23.97
O5 XYP D . -16.99 -15.26 23.99
O1 XYP E . 0.20 27.86 -6.09
C1 XYP E . -0.69 27.56 -7.11
C2 XYP E . -1.13 28.85 -7.80
C3 XYP E . -2.07 28.50 -8.94
C4 XYP E . -1.33 27.60 -9.91
C5 XYP E . -0.88 26.34 -9.17
O2 XYP E . -1.80 29.69 -6.86
O3 XYP E . -2.49 29.69 -9.60
O4 XYP E . -2.19 27.24 -10.98
O5 XYP E . -0.02 26.70 -8.07
O1 XYP F . 8.23 -21.15 -2.66
C1 XYP F . 6.96 -20.99 -3.19
C2 XYP F . 7.06 -20.36 -4.58
C3 XYP F . 5.67 -20.26 -5.17
C4 XYP F . 5.07 -21.65 -5.25
C5 XYP F . 5.02 -22.25 -3.83
O2 XYP F . 7.64 -19.06 -4.47
O3 XYP F . 5.75 -19.69 -6.48
O4 XYP F . 3.75 -21.58 -5.77
O5 XYP F . 6.37 -22.31 -3.29
O1 XYP G . 11.02 29.39 14.06
C1 XYP G . 10.94 29.32 12.68
C2 XYP G . 10.04 28.15 12.26
C3 XYP G . 9.92 28.13 10.76
C4 XYP G . 9.35 29.46 10.30
C5 XYP G . 10.28 30.58 10.75
O2 XYP G . 10.58 26.93 12.73
O3 XYP G . 9.07 27.07 10.36
O4 XYP G . 9.24 29.46 8.88
O5 XYP G . 10.40 30.56 12.20
O1 XYP H . 23.05 21.08 -9.00
C1 XYP H . 21.73 21.46 -8.82
C2 XYP H . 21.58 22.18 -7.48
C3 XYP H . 20.15 22.64 -7.31
C4 XYP H . 19.83 23.58 -8.46
C5 XYP H . 20.01 22.85 -9.78
O2 XYP H . 21.91 21.28 -6.43
O3 XYP H . 19.98 23.31 -6.07
O4 XYP H . 18.49 24.05 -8.34
O5 XYP H . 21.39 22.38 -9.90
#